data_1QFJ
#
_entry.id   1QFJ
#
_cell.length_a   51.200
_cell.length_b   96.920
_cell.length_c   210.410
_cell.angle_alpha   90.00
_cell.angle_beta   90.00
_cell.angle_gamma   90.00
#
_symmetry.space_group_name_H-M   'P 21 21 21'
#
loop_
_entity.id
_entity.type
_entity.pdbx_description
1 polymer 'PROTEIN (FLAVIN REDUCTASE)'
2 non-polymer GLYCEROL
3 water water
#
_entity_poly.entity_id   1
_entity_poly.type   'polypeptide(L)'
_entity_poly.pdbx_seq_one_letter_code
;TTLSCKVTSVEAITDTVYRVRIVPDAAFSFRAGQYLMVVMDERDKRPFSMASTPDEKGFIELHIGASEINLYAKAVMDRI
LKDHQIVVDIPHGEAWLRDDEERPMILIAGGTGFSYARSILLTALARNPNRDITIYWGGREEQHLYDLCELEALSLKHPG
LQVVPVVEQPEAGWRGRTGTVLTAVLQDHGTLAEHDIYIAGRFEMAKIARDLFCSERNAREDRLFGDAFAFI
;
_entity_poly.pdbx_strand_id   A,B,C,D
#
loop_
_chem_comp.id
_chem_comp.type
_chem_comp.name
_chem_comp.formula
GOL non-polymer GLYCEROL 'C3 H8 O3'
#
# COMPACT_ATOMS: atom_id res chain seq x y z
N THR A 1 -22.52 26.29 -19.01
CA THR A 1 -21.55 27.37 -19.33
C THR A 1 -20.38 26.90 -20.20
N THR A 2 -20.16 27.62 -21.29
CA THR A 2 -19.06 27.39 -22.21
C THR A 2 -17.88 28.25 -21.78
N LEU A 3 -16.77 27.62 -21.39
CA LEU A 3 -15.65 28.36 -20.86
C LEU A 3 -14.35 27.92 -21.49
N SER A 4 -13.50 28.93 -21.74
CA SER A 4 -12.17 28.61 -22.29
C SER A 4 -11.26 28.51 -21.06
N CYS A 5 -10.39 27.54 -21.03
CA CYS A 5 -9.52 27.25 -19.90
C CYS A 5 -8.04 27.11 -20.24
N LYS A 6 -7.17 27.63 -19.38
CA LYS A 6 -5.75 27.41 -19.57
C LYS A 6 -5.34 26.09 -18.90
N VAL A 7 -4.44 25.38 -19.57
CA VAL A 7 -3.89 24.15 -19.00
C VAL A 7 -2.69 24.52 -18.14
N THR A 8 -2.77 24.35 -16.83
CA THR A 8 -1.67 24.79 -16.00
C THR A 8 -0.69 23.69 -15.66
N SER A 9 -1.12 22.45 -15.87
CA SER A 9 -0.17 21.35 -15.64
C SER A 9 -0.69 20.07 -16.26
N VAL A 10 0.26 19.28 -16.75
CA VAL A 10 -0.01 18.01 -17.38
C VAL A 10 1.02 17.00 -16.85
N GLU A 11 0.54 15.84 -16.43
CA GLU A 11 1.48 14.85 -15.89
C GLU A 11 1.07 13.43 -16.20
N ALA A 12 2.03 12.65 -16.71
CA ALA A 12 1.81 11.24 -16.99
C ALA A 12 1.70 10.51 -15.65
N ILE A 13 0.51 10.05 -15.27
CA ILE A 13 0.45 9.30 -14.00
C ILE A 13 1.08 7.96 -14.36
N THR A 14 0.57 7.34 -15.41
CA THR A 14 1.12 6.11 -15.97
C THR A 14 1.48 6.41 -17.43
N ASP A 15 1.44 5.40 -18.29
CA ASP A 15 1.70 5.57 -19.71
C ASP A 15 0.41 5.77 -20.49
N THR A 16 -0.71 5.45 -19.87
CA THR A 16 -2.01 5.60 -20.52
C THR A 16 -2.80 6.74 -19.90
N VAL A 17 -2.47 7.11 -18.65
CA VAL A 17 -3.24 8.14 -17.97
C VAL A 17 -2.51 9.46 -17.71
N TYR A 18 -3.17 10.57 -18.06
CA TYR A 18 -2.69 11.91 -17.78
C TYR A 18 -3.53 12.58 -16.68
N ARG A 19 -2.88 13.25 -15.76
CA ARG A 19 -3.47 14.08 -14.73
C ARG A 19 -3.39 15.50 -15.33
N VAL A 20 -4.52 16.07 -15.65
CA VAL A 20 -4.52 17.36 -16.36
C VAL A 20 -5.24 18.34 -15.44
N ARG A 21 -4.63 19.51 -15.25
CA ARG A 21 -5.18 20.55 -14.42
C ARG A 21 -5.40 21.79 -15.28
N ILE A 22 -6.64 22.22 -15.36
CA ILE A 22 -7.07 23.36 -16.11
C ILE A 22 -7.69 24.46 -15.22
N VAL A 23 -7.51 25.69 -15.70
CA VAL A 23 -8.07 26.89 -15.08
C VAL A 23 -8.91 27.71 -16.05
N PRO A 24 -10.21 27.68 -15.86
CA PRO A 24 -11.16 28.41 -16.69
C PRO A 24 -10.89 29.91 -16.61
N ASP A 25 -11.29 30.67 -17.63
CA ASP A 25 -11.09 32.11 -17.70
C ASP A 25 -12.13 32.88 -16.87
N ALA A 26 -13.18 32.23 -16.38
CA ALA A 26 -14.20 32.88 -15.56
C ALA A 26 -14.62 31.98 -14.40
N ALA A 27 -15.36 32.54 -13.43
CA ALA A 27 -15.85 31.80 -12.29
C ALA A 27 -16.59 30.53 -12.74
N PHE A 28 -16.51 29.46 -11.94
CA PHE A 28 -17.28 28.27 -12.33
C PHE A 28 -17.77 27.48 -11.11
N SER A 29 -18.79 26.64 -11.29
CA SER A 29 -19.24 25.78 -10.21
C SER A 29 -19.83 24.47 -10.77
N PHE A 30 -19.74 23.46 -9.92
CA PHE A 30 -20.32 22.16 -10.22
C PHE A 30 -20.60 21.41 -8.90
N ARG A 31 -21.32 20.30 -9.03
CA ARG A 31 -21.55 19.42 -7.87
C ARG A 31 -20.63 18.22 -7.99
N ALA A 32 -20.04 17.78 -6.88
CA ALA A 32 -19.11 16.64 -6.92
C ALA A 32 -19.79 15.46 -7.60
N GLY A 33 -19.14 14.91 -8.61
CA GLY A 33 -19.70 13.83 -9.41
C GLY A 33 -20.22 14.26 -10.78
N GLN A 34 -20.35 15.56 -11.02
CA GLN A 34 -20.80 15.95 -12.36
C GLN A 34 -19.63 15.87 -13.35
N TYR A 35 -19.93 16.05 -14.63
CA TYR A 35 -18.88 16.00 -15.66
C TYR A 35 -18.95 17.22 -16.57
N LEU A 36 -17.90 17.45 -17.34
CA LEU A 36 -17.87 18.51 -18.34
C LEU A 36 -17.68 17.88 -19.73
N MET A 37 -17.88 18.70 -20.74
CA MET A 37 -17.65 18.26 -22.11
C MET A 37 -16.44 18.98 -22.70
N VAL A 38 -15.45 18.26 -23.19
CA VAL A 38 -14.35 18.96 -23.87
C VAL A 38 -14.91 19.32 -25.27
N VAL A 39 -15.15 20.60 -25.54
CA VAL A 39 -15.66 21.01 -26.83
C VAL A 39 -14.57 20.94 -27.89
N MET A 40 -14.60 19.84 -28.65
CA MET A 40 -13.65 19.65 -29.73
C MET A 40 -14.14 20.42 -30.97
N ASP A 41 -15.45 20.50 -31.12
CA ASP A 41 -16.11 21.08 -32.26
C ASP A 41 -17.50 21.60 -31.91
N GLU A 42 -18.30 21.95 -32.92
CA GLU A 42 -19.69 22.31 -32.63
C GLU A 42 -20.51 21.03 -32.49
N ARG A 43 -20.01 19.92 -33.04
CA ARG A 43 -20.68 18.64 -32.97
C ARG A 43 -19.86 17.55 -32.29
N ASP A 44 -18.65 17.83 -31.84
CA ASP A 44 -17.83 16.81 -31.19
C ASP A 44 -17.50 17.22 -29.75
N LYS A 45 -18.37 16.87 -28.82
CA LYS A 45 -18.21 17.19 -27.40
C LYS A 45 -17.97 15.92 -26.59
N ARG A 46 -16.85 15.86 -25.88
CA ARG A 46 -16.40 14.70 -25.16
C ARG A 46 -16.43 14.84 -23.63
N PRO A 47 -17.23 13.99 -23.00
CA PRO A 47 -17.46 13.99 -21.57
C PRO A 47 -16.33 13.49 -20.70
N PHE A 48 -15.96 14.22 -19.65
CA PHE A 48 -14.93 13.85 -18.69
C PHE A 48 -15.44 14.32 -17.31
N SER A 49 -15.38 13.47 -16.33
CA SER A 49 -15.80 13.74 -14.95
C SER A 49 -14.78 14.65 -14.27
N MET A 50 -15.26 15.65 -13.53
CA MET A 50 -14.27 16.45 -12.76
C MET A 50 -13.69 15.50 -11.71
N ALA A 51 -12.38 15.39 -11.56
CA ALA A 51 -11.70 14.56 -10.60
C ALA A 51 -11.40 15.33 -9.31
N SER A 52 -11.51 16.66 -9.37
CA SER A 52 -11.26 17.52 -8.22
C SER A 52 -12.56 17.88 -7.52
N THR A 53 -12.48 18.31 -6.27
CA THR A 53 -13.66 18.75 -5.51
C THR A 53 -14.09 20.11 -6.02
N PRO A 54 -15.35 20.48 -5.94
CA PRO A 54 -15.95 21.73 -6.29
C PRO A 54 -15.54 22.92 -5.44
N ASP A 55 -14.43 22.83 -4.77
CA ASP A 55 -13.70 23.81 -4.08
C ASP A 55 -12.20 23.48 -3.95
N GLU A 56 -11.63 23.15 -5.10
CA GLU A 56 -10.18 23.07 -5.33
C GLU A 56 -10.11 24.35 -6.20
N LYS A 57 -10.33 25.43 -5.46
CA LYS A 57 -10.76 26.72 -5.87
C LYS A 57 -10.55 27.04 -7.33
N GLY A 58 -9.34 27.34 -7.75
CA GLY A 58 -9.10 27.83 -9.09
C GLY A 58 -9.04 26.90 -10.26
N PHE A 59 -8.70 25.65 -10.01
CA PHE A 59 -8.57 24.72 -11.13
C PHE A 59 -9.57 23.57 -11.09
N ILE A 60 -9.59 22.88 -12.22
CA ILE A 60 -10.34 21.66 -12.45
C ILE A 60 -9.32 20.57 -12.74
N GLU A 61 -9.48 19.41 -12.11
CA GLU A 61 -8.57 18.30 -12.41
C GLU A 61 -9.28 17.26 -13.28
N LEU A 62 -8.57 16.80 -14.32
CA LEU A 62 -9.09 15.75 -15.20
C LEU A 62 -8.10 14.59 -15.30
N HIS A 63 -8.62 13.38 -15.43
CA HIS A 63 -7.74 12.21 -15.62
C HIS A 63 -8.10 11.67 -17.01
N ILE A 64 -7.19 11.86 -17.96
CA ILE A 64 -7.44 11.52 -19.36
C ILE A 64 -6.56 10.38 -19.84
N GLY A 65 -7.24 9.40 -20.41
CA GLY A 65 -6.67 8.18 -20.95
C GLY A 65 -7.70 7.07 -20.77
N TYR A 72 -9.72 8.20 -28.63
CA TYR A 72 -10.72 9.17 -28.23
C TYR A 72 -10.14 10.17 -27.24
N ALA A 73 -9.16 9.70 -26.48
CA ALA A 73 -8.46 10.54 -25.51
C ALA A 73 -7.27 11.21 -26.20
N LYS A 74 -6.70 10.50 -27.17
CA LYS A 74 -5.56 10.97 -27.94
C LYS A 74 -5.84 12.33 -28.57
N ALA A 75 -6.98 12.46 -29.25
CA ALA A 75 -7.38 13.71 -29.86
C ALA A 75 -7.51 14.82 -28.80
N VAL A 76 -8.03 14.47 -27.63
CA VAL A 76 -8.14 15.45 -26.55
C VAL A 76 -6.76 15.82 -26.04
N MET A 77 -5.90 14.85 -25.86
CA MET A 77 -4.53 15.11 -25.42
C MET A 77 -3.78 16.02 -26.37
N ASP A 78 -3.99 15.86 -27.68
CA ASP A 78 -3.40 16.69 -28.71
C ASP A 78 -3.82 18.13 -28.53
N ARG A 79 -5.12 18.41 -28.34
CA ARG A 79 -5.48 19.78 -28.05
C ARG A 79 -4.76 20.25 -26.79
N ILE A 80 -4.76 19.41 -25.74
CA ILE A 80 -4.12 19.83 -24.49
C ILE A 80 -2.64 20.10 -24.69
N LEU A 81 -1.90 19.17 -25.27
CA LEU A 81 -0.47 19.32 -25.46
C LEU A 81 -0.02 20.37 -26.48
N LYS A 82 -0.73 20.54 -27.59
CA LYS A 82 -0.31 21.52 -28.59
C LYS A 82 -0.67 22.96 -28.21
N ASP A 83 -1.93 23.18 -27.81
CA ASP A 83 -2.42 24.50 -27.48
C ASP A 83 -2.35 24.92 -26.03
N HIS A 84 -2.26 24.02 -25.04
CA HIS A 84 -2.25 24.37 -23.62
C HIS A 84 -3.51 25.12 -23.19
N GLN A 85 -4.61 24.82 -23.84
CA GLN A 85 -5.90 25.46 -23.69
C GLN A 85 -6.95 24.55 -24.31
N ILE A 86 -8.14 24.57 -23.75
CA ILE A 86 -9.27 23.79 -24.23
C ILE A 86 -10.51 24.60 -23.86
N VAL A 87 -11.59 24.28 -24.52
CA VAL A 87 -12.87 24.92 -24.28
C VAL A 87 -13.76 23.86 -23.64
N VAL A 88 -14.40 24.17 -22.51
CA VAL A 88 -15.27 23.18 -21.88
C VAL A 88 -16.70 23.68 -21.75
N ASP A 89 -17.62 22.72 -21.75
CA ASP A 89 -19.04 22.96 -21.50
C ASP A 89 -19.34 22.20 -20.20
N ILE A 90 -19.63 22.95 -19.15
CA ILE A 90 -19.80 22.47 -17.79
C ILE A 90 -20.86 23.27 -17.06
N PRO A 91 -21.55 22.65 -16.13
CA PRO A 91 -21.44 21.28 -15.71
C PRO A 91 -22.61 20.43 -16.19
N HIS A 92 -22.50 19.10 -16.22
CA HIS A 92 -23.53 18.20 -16.64
C HIS A 92 -23.56 17.00 -15.68
N GLY A 93 -24.66 16.25 -15.75
CA GLY A 93 -24.80 15.04 -14.99
C GLY A 93 -25.76 15.23 -13.82
N GLU A 94 -26.47 14.14 -13.53
CA GLU A 94 -27.42 14.12 -12.44
C GLU A 94 -26.96 13.15 -11.36
N ALA A 95 -25.74 12.61 -11.44
CA ALA A 95 -25.26 11.65 -10.46
C ALA A 95 -24.35 12.23 -9.39
N TRP A 96 -24.62 13.45 -8.93
CA TRP A 96 -23.80 14.11 -7.92
C TRP A 96 -24.00 13.65 -6.48
N LEU A 97 -23.08 14.03 -5.60
CA LEU A 97 -23.13 13.66 -4.18
C LEU A 97 -24.42 14.19 -3.53
N ARG A 98 -25.23 13.32 -2.96
CA ARG A 98 -26.48 13.77 -2.32
C ARG A 98 -26.22 14.43 -0.97
N ASP A 99 -27.18 15.16 -0.45
CA ASP A 99 -27.14 15.84 0.82
C ASP A 99 -27.07 14.85 1.98
N ASP A 100 -27.76 13.72 1.85
CA ASP A 100 -27.83 12.75 2.94
C ASP A 100 -26.59 12.72 3.83
N GLU A 101 -26.84 12.91 5.12
CA GLU A 101 -25.72 12.92 6.05
C GLU A 101 -25.47 11.64 6.78
N GLU A 102 -26.48 10.76 6.84
CA GLU A 102 -26.36 9.57 7.67
C GLU A 102 -26.05 8.25 7.00
N ARG A 103 -26.63 7.95 5.85
CA ARG A 103 -26.36 6.65 5.22
C ARG A 103 -24.89 6.46 4.88
N PRO A 104 -24.36 5.28 5.17
CA PRO A 104 -23.01 4.91 4.82
C PRO A 104 -22.90 4.95 3.29
N MET A 105 -21.73 5.22 2.72
CA MET A 105 -21.58 5.39 1.29
C MET A 105 -20.69 4.31 0.69
N ILE A 106 -21.00 3.97 -0.55
CA ILE A 106 -20.16 3.04 -1.28
C ILE A 106 -19.86 3.74 -2.62
N LEU A 107 -18.58 3.85 -2.93
CA LEU A 107 -18.11 4.48 -4.16
C LEU A 107 -17.51 3.37 -5.02
N ILE A 108 -18.03 3.21 -6.24
CA ILE A 108 -17.53 2.16 -7.11
C ILE A 108 -16.90 2.75 -8.39
N ALA A 109 -15.62 2.46 -8.56
CA ALA A 109 -14.90 2.93 -9.74
C ALA A 109 -14.36 1.76 -10.56
N GLY A 110 -14.87 1.69 -11.79
CA GLY A 110 -14.36 0.69 -12.74
C GLY A 110 -13.45 1.47 -13.71
N GLY A 111 -12.27 0.96 -13.99
CA GLY A 111 -11.33 1.63 -14.87
C GLY A 111 -11.96 2.68 -15.78
N THR A 112 -11.59 3.92 -15.54
CA THR A 112 -12.04 5.14 -16.21
C THR A 112 -13.01 5.92 -15.31
N GLY A 113 -13.59 5.28 -14.29
CA GLY A 113 -14.48 5.99 -13.39
C GLY A 113 -13.85 6.54 -12.13
N PHE A 114 -12.53 6.45 -11.97
CA PHE A 114 -11.92 6.93 -10.74
C PHE A 114 -12.11 8.43 -10.54
N SER A 115 -12.14 9.24 -11.59
CA SER A 115 -12.27 10.67 -11.48
C SER A 115 -13.59 11.02 -10.78
N TYR A 116 -14.67 10.39 -11.22
CA TYR A 116 -15.99 10.61 -10.63
C TYR A 116 -15.97 10.22 -9.15
N ALA A 117 -15.34 9.10 -8.80
CA ALA A 117 -15.32 8.61 -7.43
C ALA A 117 -14.51 9.53 -6.52
N ARG A 118 -13.35 9.95 -6.96
CA ARG A 118 -12.47 10.87 -6.25
C ARG A 118 -13.14 12.20 -5.95
N SER A 119 -13.80 12.81 -6.93
CA SER A 119 -14.48 14.08 -6.63
C SER A 119 -15.48 13.90 -5.47
N ILE A 120 -16.32 12.88 -5.56
CA ILE A 120 -17.31 12.58 -4.54
C ILE A 120 -16.64 12.21 -3.21
N LEU A 121 -15.55 11.45 -3.24
CA LEU A 121 -14.87 11.09 -2.01
C LEU A 121 -14.35 12.30 -1.26
N LEU A 122 -13.48 13.08 -1.96
CA LEU A 122 -12.88 14.24 -1.30
C LEU A 122 -13.96 15.23 -0.84
N THR A 123 -14.99 15.42 -1.62
CA THR A 123 -16.06 16.34 -1.22
C THR A 123 -16.77 15.83 0.01
N ALA A 124 -17.10 14.54 0.07
CA ALA A 124 -17.73 13.96 1.24
C ALA A 124 -16.85 14.04 2.48
N LEU A 125 -15.55 13.80 2.35
CA LEU A 125 -14.64 13.89 3.50
C LEU A 125 -14.46 15.31 3.99
N ALA A 126 -14.60 16.33 3.14
CA ALA A 126 -14.53 17.71 3.58
C ALA A 126 -15.80 18.01 4.38
N ARG A 127 -16.95 17.53 3.93
CA ARG A 127 -18.21 17.70 4.63
C ARG A 127 -18.21 16.97 5.99
N ASN A 128 -17.61 15.79 6.06
CA ASN A 128 -17.58 15.04 7.33
C ASN A 128 -16.38 14.12 7.23
N PRO A 129 -15.31 14.44 7.90
CA PRO A 129 -14.09 13.67 7.90
C PRO A 129 -14.22 12.34 8.61
N ASN A 130 -15.29 12.11 9.36
CA ASN A 130 -15.51 10.85 10.04
C ASN A 130 -16.46 9.93 9.27
N ARG A 131 -16.92 10.38 8.10
CA ARG A 131 -17.88 9.63 7.32
C ARG A 131 -17.51 8.19 6.95
N ASP A 132 -18.56 7.34 7.05
CA ASP A 132 -18.43 5.92 6.73
C ASP A 132 -18.52 5.76 5.21
N ILE A 133 -17.36 5.61 4.58
CA ILE A 133 -17.20 5.52 3.15
C ILE A 133 -16.28 4.38 2.75
N THR A 134 -16.77 3.60 1.80
CA THR A 134 -15.96 2.50 1.27
C THR A 134 -15.79 2.73 -0.24
N ILE A 135 -14.52 2.79 -0.67
CA ILE A 135 -14.35 2.98 -2.12
C ILE A 135 -13.78 1.72 -2.73
N TYR A 136 -14.43 1.27 -3.80
CA TYR A 136 -13.91 0.14 -4.58
C TYR A 136 -13.36 0.64 -5.92
N TRP A 137 -12.13 0.23 -6.21
CA TRP A 137 -11.54 0.58 -7.51
C TRP A 137 -11.06 -0.69 -8.20
N GLY A 138 -11.61 -0.97 -9.36
CA GLY A 138 -11.24 -2.15 -10.13
C GLY A 138 -10.45 -1.80 -11.40
N GLY A 139 -9.43 -2.59 -11.66
CA GLY A 139 -8.66 -2.49 -12.89
C GLY A 139 -8.22 -3.89 -13.31
N ARG A 140 -7.68 -4.02 -14.52
CA ARG A 140 -7.21 -5.32 -15.00
C ARG A 140 -5.95 -5.77 -14.29
N GLU A 141 -5.02 -4.85 -14.07
CA GLU A 141 -3.74 -5.06 -13.41
C GLU A 141 -3.48 -4.05 -12.27
N GLU A 142 -2.50 -4.35 -11.41
CA GLU A 142 -2.19 -3.56 -10.24
C GLU A 142 -1.93 -2.09 -10.62
N GLN A 143 -1.10 -1.91 -11.64
CA GLN A 143 -0.71 -0.62 -12.15
C GLN A 143 -1.83 0.24 -12.69
N HIS A 144 -3.01 -0.27 -13.02
CA HIS A 144 -4.08 0.60 -13.49
C HIS A 144 -4.69 1.38 -12.31
N LEU A 145 -4.45 0.95 -11.09
CA LEU A 145 -4.92 1.66 -9.88
C LEU A 145 -3.82 2.64 -9.52
N TYR A 146 -3.65 3.65 -10.36
CA TYR A 146 -2.54 4.59 -10.41
C TYR A 146 -2.45 5.55 -9.25
N ASP A 147 -3.54 5.88 -8.59
CA ASP A 147 -3.52 6.69 -7.38
C ASP A 147 -3.83 5.84 -6.13
N LEU A 148 -3.61 4.52 -6.19
CA LEU A 148 -3.88 3.66 -5.04
C LEU A 148 -3.09 4.07 -3.79
N CYS A 149 -1.79 4.39 -3.85
CA CYS A 149 -1.06 4.78 -2.64
C CYS A 149 -1.56 6.07 -2.01
N GLU A 150 -2.11 6.96 -2.83
CA GLU A 150 -2.66 8.22 -2.35
C GLU A 150 -3.98 7.93 -1.63
N LEU A 151 -4.74 6.94 -2.12
CA LEU A 151 -5.99 6.55 -1.44
C LEU A 151 -5.65 5.94 -0.09
N GLU A 152 -4.63 5.10 -0.01
CA GLU A 152 -4.18 4.50 1.23
C GLU A 152 -3.68 5.56 2.20
N ALA A 153 -2.97 6.59 1.72
CA ALA A 153 -2.50 7.61 2.67
C ALA A 153 -3.72 8.33 3.25
N LEU A 154 -4.65 8.67 2.38
CA LEU A 154 -5.91 9.29 2.73
C LEU A 154 -6.68 8.46 3.74
N SER A 155 -6.76 7.15 3.56
CA SER A 155 -7.45 6.26 4.49
C SER A 155 -6.85 6.30 5.89
N LEU A 156 -5.54 6.43 6.04
CA LEU A 156 -4.91 6.58 7.35
C LEU A 156 -5.46 7.76 8.17
N LYS A 157 -5.89 8.83 7.53
CA LYS A 157 -6.38 10.01 8.19
C LYS A 157 -7.88 9.96 8.48
N HIS A 158 -8.58 9.06 7.81
CA HIS A 158 -10.03 9.03 7.91
C HIS A 158 -10.46 7.64 8.37
N PRO A 159 -10.80 7.56 9.64
CA PRO A 159 -11.22 6.36 10.32
C PRO A 159 -12.42 5.66 9.71
N GLY A 160 -13.43 6.33 9.17
CA GLY A 160 -14.52 5.62 8.52
C GLY A 160 -14.21 5.29 7.06
N LEU A 161 -13.07 5.72 6.50
CA LEU A 161 -12.79 5.49 5.09
C LEU A 161 -12.16 4.12 4.88
N GLN A 162 -12.75 3.27 4.05
CA GLN A 162 -12.09 2.00 3.73
C GLN A 162 -11.82 1.95 2.22
N VAL A 163 -10.64 1.55 1.80
CA VAL A 163 -10.27 1.49 0.39
C VAL A 163 -10.16 0.04 -0.06
N VAL A 164 -10.84 -0.40 -1.10
CA VAL A 164 -10.79 -1.77 -1.57
C VAL A 164 -10.36 -1.87 -3.03
N PRO A 165 -9.10 -2.15 -3.22
CA PRO A 165 -8.48 -2.32 -4.52
C PRO A 165 -8.78 -3.69 -5.12
N VAL A 166 -9.40 -3.77 -6.29
CA VAL A 166 -9.77 -5.04 -6.92
C VAL A 166 -9.12 -5.23 -8.28
N VAL A 167 -8.25 -6.22 -8.44
CA VAL A 167 -7.50 -6.47 -9.66
C VAL A 167 -7.92 -7.75 -10.40
N GLU A 168 -8.21 -7.62 -11.69
CA GLU A 168 -8.73 -8.74 -12.46
C GLU A 168 -7.69 -9.83 -12.67
N GLN A 169 -6.50 -9.44 -13.12
CA GLN A 169 -5.44 -10.40 -13.40
C GLN A 169 -4.18 -10.02 -12.65
N PRO A 170 -4.19 -10.26 -11.34
CA PRO A 170 -3.12 -9.86 -10.47
C PRO A 170 -1.92 -10.80 -10.53
N GLU A 171 -0.82 -10.30 -10.02
CA GLU A 171 0.37 -11.12 -9.82
C GLU A 171 0.13 -11.93 -8.55
N ALA A 172 0.76 -13.09 -8.39
CA ALA A 172 0.61 -13.86 -7.16
C ALA A 172 1.27 -13.05 -6.04
N GLY A 173 0.54 -12.84 -4.96
CA GLY A 173 1.12 -12.07 -3.85
C GLY A 173 0.34 -10.78 -3.65
N TRP A 174 -0.44 -10.38 -4.63
CA TRP A 174 -1.26 -9.18 -4.57
C TRP A 174 -2.01 -9.16 -3.24
N ARG A 175 -2.06 -8.03 -2.56
CA ARG A 175 -2.72 -7.93 -1.27
C ARG A 175 -4.18 -7.54 -1.29
N GLY A 176 -4.74 -7.12 -2.42
CA GLY A 176 -6.12 -6.68 -2.42
C GLY A 176 -7.01 -7.81 -2.89
N ARG A 177 -8.18 -7.45 -3.41
CA ARG A 177 -9.12 -8.42 -3.94
C ARG A 177 -8.69 -8.75 -5.37
N THR A 178 -9.18 -9.88 -5.85
CA THR A 178 -8.94 -10.38 -7.18
C THR A 178 -10.28 -10.52 -7.89
N GLY A 179 -10.40 -10.25 -9.18
CA GLY A 179 -11.70 -10.37 -9.85
C GLY A 179 -12.29 -9.02 -10.23
N THR A 180 -13.61 -8.86 -10.11
CA THR A 180 -14.36 -7.67 -10.42
C THR A 180 -14.90 -6.98 -9.17
N VAL A 181 -15.25 -5.69 -9.24
CA VAL A 181 -15.77 -4.92 -8.13
C VAL A 181 -17.14 -5.40 -7.63
N LEU A 182 -18.03 -5.81 -8.53
CA LEU A 182 -19.38 -6.24 -8.09
C LEU A 182 -19.33 -7.42 -7.12
N THR A 183 -18.44 -8.37 -7.39
CA THR A 183 -18.24 -9.51 -6.53
C THR A 183 -17.64 -9.07 -5.20
N ALA A 184 -16.72 -8.10 -5.19
CA ALA A 184 -16.12 -7.66 -3.93
C ALA A 184 -17.21 -7.03 -3.07
N VAL A 185 -18.07 -6.21 -3.67
CA VAL A 185 -19.16 -5.57 -2.96
C VAL A 185 -20.09 -6.61 -2.34
N LEU A 186 -20.61 -7.56 -3.09
CA LEU A 186 -21.50 -8.58 -2.58
C LEU A 186 -20.89 -9.39 -1.43
N GLN A 187 -19.59 -9.68 -1.44
CA GLN A 187 -19.03 -10.48 -0.36
C GLN A 187 -18.80 -9.65 0.90
N ASP A 188 -18.68 -8.34 0.82
CA ASP A 188 -18.43 -7.54 2.02
C ASP A 188 -19.70 -7.16 2.78
N HIS A 189 -20.83 -7.14 2.07
CA HIS A 189 -22.09 -6.65 2.60
C HIS A 189 -23.21 -7.69 2.59
N GLY A 190 -23.91 -7.79 3.73
CA GLY A 190 -25.04 -8.72 3.82
C GLY A 190 -26.26 -8.05 3.22
N THR A 191 -26.34 -6.73 3.36
CA THR A 191 -27.45 -5.98 2.78
C THR A 191 -26.90 -4.63 2.33
N LEU A 192 -27.47 -4.12 1.26
CA LEU A 192 -27.05 -2.82 0.74
C LEU A 192 -28.17 -1.82 0.96
N ALA A 193 -29.24 -2.25 1.65
CA ALA A 193 -30.40 -1.38 1.87
C ALA A 193 -30.09 -0.08 2.60
N GLU A 194 -29.08 -0.04 3.43
CA GLU A 194 -28.79 1.20 4.16
C GLU A 194 -27.83 2.15 3.45
N HIS A 195 -27.21 1.76 2.35
CA HIS A 195 -26.21 2.61 1.72
C HIS A 195 -26.68 3.49 0.58
N ASP A 196 -25.88 4.54 0.33
CA ASP A 196 -25.98 5.39 -0.85
C ASP A 196 -24.78 4.89 -1.69
N ILE A 197 -25.03 4.53 -2.94
CA ILE A 197 -24.04 3.89 -3.80
C ILE A 197 -23.81 4.68 -5.07
N TYR A 198 -22.55 5.00 -5.37
CA TYR A 198 -22.18 5.83 -6.51
C TYR A 198 -21.21 5.04 -7.39
N ILE A 199 -21.55 4.89 -8.66
CA ILE A 199 -20.80 4.06 -9.58
C ILE A 199 -20.41 4.78 -10.87
N ALA A 200 -19.18 4.58 -11.30
CA ALA A 200 -18.68 5.01 -12.59
C ALA A 200 -17.81 3.88 -13.16
N GLY A 201 -17.86 3.77 -14.47
CA GLY A 201 -17.11 2.79 -15.24
C GLY A 201 -17.91 2.52 -16.53
N ARG A 202 -17.74 1.31 -17.06
CA ARG A 202 -18.50 0.92 -18.25
C ARG A 202 -19.98 0.86 -17.92
N PHE A 203 -20.80 1.32 -18.86
CA PHE A 203 -22.24 1.38 -18.68
C PHE A 203 -22.82 0.00 -18.45
N GLU A 204 -22.28 -1.01 -19.13
CA GLU A 204 -22.71 -2.38 -18.89
C GLU A 204 -22.55 -2.75 -17.43
N MET A 205 -21.39 -2.49 -16.84
CA MET A 205 -21.11 -2.81 -15.44
C MET A 205 -22.07 -2.08 -14.52
N ALA A 206 -22.33 -0.80 -14.68
CA ALA A 206 -23.29 -0.10 -13.81
C ALA A 206 -24.69 -0.70 -13.95
N LYS A 207 -25.06 -1.06 -15.18
CA LYS A 207 -26.34 -1.68 -15.43
C LYS A 207 -26.45 -3.00 -14.67
N ILE A 208 -25.44 -3.86 -14.73
CA ILE A 208 -25.52 -5.14 -14.03
C ILE A 208 -25.47 -4.91 -12.52
N ALA A 209 -24.62 -4.00 -12.04
CA ALA A 209 -24.55 -3.64 -10.65
C ALA A 209 -25.91 -3.29 -10.07
N ARG A 210 -26.63 -2.42 -10.76
CA ARG A 210 -27.95 -1.98 -10.36
C ARG A 210 -28.90 -3.16 -10.13
N ASP A 211 -29.03 -3.98 -11.19
CA ASP A 211 -29.90 -5.13 -11.10
C ASP A 211 -29.48 -6.05 -9.96
N LEU A 212 -28.18 -6.36 -9.89
CA LEU A 212 -27.69 -7.29 -8.89
C LEU A 212 -27.79 -6.80 -7.46
N PHE A 213 -27.42 -5.55 -7.23
CA PHE A 213 -27.47 -4.99 -5.89
C PHE A 213 -28.93 -4.93 -5.40
N CYS A 214 -29.85 -4.50 -6.25
CA CYS A 214 -31.26 -4.41 -5.86
C CYS A 214 -31.89 -5.79 -5.72
N SER A 215 -31.47 -6.78 -6.49
CA SER A 215 -32.10 -8.10 -6.36
C SER A 215 -31.46 -9.02 -5.33
N GLU A 216 -30.15 -9.17 -5.21
CA GLU A 216 -29.50 -10.00 -4.24
C GLU A 216 -29.13 -9.33 -2.92
N ARG A 217 -29.20 -8.01 -2.80
CA ARG A 217 -28.73 -7.34 -1.59
C ARG A 217 -29.71 -6.28 -1.09
N ASN A 218 -30.88 -6.29 -1.68
CA ASN A 218 -31.99 -5.41 -1.37
C ASN A 218 -31.61 -3.93 -1.39
N ALA A 219 -30.84 -3.48 -2.37
CA ALA A 219 -30.47 -2.07 -2.45
C ALA A 219 -31.67 -1.27 -2.92
N ARG A 220 -31.65 0.01 -2.60
CA ARG A 220 -32.69 0.92 -3.06
C ARG A 220 -32.23 1.47 -4.41
N GLU A 221 -33.08 1.33 -5.43
CA GLU A 221 -32.73 1.84 -6.74
C GLU A 221 -32.64 3.36 -6.74
N ASP A 222 -33.48 4.03 -5.94
CA ASP A 222 -33.47 5.47 -5.84
C ASP A 222 -32.23 6.00 -5.13
N ARG A 223 -31.46 5.17 -4.46
CA ARG A 223 -30.21 5.54 -3.79
C ARG A 223 -28.98 4.97 -4.51
N LEU A 224 -29.15 4.65 -5.78
CA LEU A 224 -28.10 4.11 -6.63
C LEU A 224 -27.78 5.20 -7.66
N PHE A 225 -26.60 5.81 -7.54
CA PHE A 225 -26.28 6.93 -8.42
C PHE A 225 -25.22 6.57 -9.46
N GLY A 226 -25.34 7.13 -10.66
CA GLY A 226 -24.33 6.88 -11.70
C GLY A 226 -24.78 7.48 -13.02
N ASP A 227 -23.80 7.91 -13.83
CA ASP A 227 -24.14 8.55 -15.11
C ASP A 227 -24.81 7.60 -16.07
N ALA A 228 -24.47 6.32 -15.95
CA ALA A 228 -25.04 5.26 -16.78
C ALA A 228 -26.56 5.19 -16.69
N PHE A 229 -27.14 5.54 -15.55
CA PHE A 229 -28.56 5.48 -15.31
C PHE A 229 -29.35 6.61 -15.92
N ALA A 230 -28.69 7.58 -16.53
CA ALA A 230 -29.37 8.61 -17.30
C ALA A 230 -29.49 8.13 -18.75
N PHE A 231 -28.65 7.17 -19.16
CA PHE A 231 -28.63 6.72 -20.55
C PHE A 231 -29.21 5.33 -20.77
N ILE A 232 -29.59 4.65 -19.70
CA ILE A 232 -30.24 3.35 -19.84
C ILE A 232 -31.72 3.63 -20.09
N THR B 1 -10.23 -20.95 -43.03
CA THR B 1 -10.35 -21.00 -44.52
C THR B 1 -11.27 -19.92 -45.06
N THR B 2 -10.85 -19.32 -46.16
CA THR B 2 -11.56 -18.26 -46.87
C THR B 2 -12.47 -18.93 -47.89
N LEU B 3 -13.71 -18.51 -48.06
CA LEU B 3 -14.57 -19.26 -48.96
C LEU B 3 -15.21 -18.62 -50.17
N SER B 4 -15.94 -17.55 -50.16
CA SER B 4 -16.66 -17.05 -51.35
C SER B 4 -18.06 -17.68 -51.27
N CYS B 5 -19.03 -16.83 -50.88
CA CYS B 5 -20.36 -17.34 -50.63
C CYS B 5 -21.48 -16.64 -51.37
N LYS B 6 -22.38 -17.47 -51.91
CA LYS B 6 -23.56 -16.93 -52.58
C LYS B 6 -24.60 -16.65 -51.49
N VAL B 7 -25.22 -15.48 -51.56
CA VAL B 7 -26.22 -15.11 -50.57
C VAL B 7 -27.58 -15.48 -51.11
N THR B 8 -28.16 -16.54 -50.55
CA THR B 8 -29.46 -17.01 -51.02
C THR B 8 -30.66 -16.39 -50.32
N SER B 9 -30.56 -15.85 -49.11
CA SER B 9 -31.71 -15.20 -48.49
C SER B 9 -31.29 -14.01 -47.61
N VAL B 10 -32.00 -12.91 -47.74
CA VAL B 10 -31.79 -11.70 -46.96
C VAL B 10 -33.18 -11.20 -46.53
N GLU B 11 -33.45 -11.26 -45.23
CA GLU B 11 -34.78 -10.93 -44.72
C GLU B 11 -34.69 -10.18 -43.40
N ALA B 12 -35.47 -9.13 -43.23
CA ALA B 12 -35.41 -8.42 -41.95
C ALA B 12 -36.24 -9.21 -40.92
N ILE B 13 -35.68 -9.36 -39.73
CA ILE B 13 -36.37 -10.04 -38.64
C ILE B 13 -36.99 -8.96 -37.75
N THR B 14 -36.20 -7.92 -37.56
CA THR B 14 -36.60 -6.79 -36.68
C THR B 14 -36.32 -5.52 -37.43
N ASP B 15 -36.40 -4.32 -36.86
CA ASP B 15 -36.07 -3.12 -37.61
C ASP B 15 -34.55 -3.00 -37.80
N THR B 16 -33.80 -3.68 -36.93
CA THR B 16 -32.35 -3.67 -36.96
C THR B 16 -31.67 -5.02 -37.12
N VAL B 17 -32.41 -6.13 -37.10
CA VAL B 17 -31.76 -7.43 -37.22
C VAL B 17 -32.19 -8.14 -38.50
N TYR B 18 -31.21 -8.70 -39.20
CA TYR B 18 -31.47 -9.39 -40.45
C TYR B 18 -31.04 -10.85 -40.37
N ARG B 19 -31.88 -11.69 -40.94
CA ARG B 19 -31.55 -13.09 -41.10
C ARG B 19 -30.91 -13.19 -42.50
N VAL B 20 -29.70 -13.75 -42.55
CA VAL B 20 -28.99 -13.85 -43.83
C VAL B 20 -28.51 -15.29 -44.02
N ARG B 21 -28.90 -15.90 -45.14
CA ARG B 21 -28.46 -17.26 -45.42
C ARG B 21 -27.49 -17.21 -46.61
N ILE B 22 -26.35 -17.88 -46.50
CA ILE B 22 -25.37 -17.92 -47.56
C ILE B 22 -24.98 -19.37 -47.88
N VAL B 23 -24.57 -19.59 -49.13
CA VAL B 23 -24.09 -20.91 -49.54
C VAL B 23 -22.64 -20.77 -50.00
N PRO B 24 -21.70 -21.32 -49.25
CA PRO B 24 -20.29 -21.32 -49.56
C PRO B 24 -20.03 -22.09 -50.84
N ASP B 25 -19.09 -21.64 -51.68
CA ASP B 25 -18.86 -22.37 -52.93
C ASP B 25 -18.04 -23.62 -52.72
N ALA B 26 -17.27 -23.75 -51.65
CA ALA B 26 -16.54 -24.95 -51.31
C ALA B 26 -17.05 -25.55 -50.00
N ALA B 27 -16.55 -26.75 -49.69
CA ALA B 27 -16.97 -27.42 -48.47
C ALA B 27 -16.52 -26.62 -47.25
N PHE B 28 -17.40 -26.56 -46.25
CA PHE B 28 -17.12 -25.82 -45.03
C PHE B 28 -17.34 -26.69 -43.80
N SER B 29 -16.75 -26.27 -42.68
CA SER B 29 -16.94 -26.99 -41.43
C SER B 29 -16.74 -26.11 -40.21
N PHE B 30 -17.58 -26.29 -39.20
CA PHE B 30 -17.49 -25.54 -37.95
C PHE B 30 -18.12 -26.32 -36.79
N ARG B 31 -17.86 -25.88 -35.58
CA ARG B 31 -18.47 -26.44 -34.38
C ARG B 31 -19.51 -25.44 -33.87
N ALA B 32 -20.66 -25.90 -33.35
CA ALA B 32 -21.67 -25.00 -32.83
C ALA B 32 -21.10 -24.06 -31.77
N GLY B 33 -21.20 -22.74 -31.96
CA GLY B 33 -20.67 -21.80 -31.00
C GLY B 33 -19.49 -21.00 -31.57
N GLN B 34 -19.04 -21.45 -32.74
CA GLN B 34 -17.94 -20.81 -33.46
C GLN B 34 -18.47 -19.68 -34.31
N TYR B 35 -17.57 -18.78 -34.71
CA TYR B 35 -17.97 -17.65 -35.54
C TYR B 35 -17.17 -17.59 -36.83
N LEU B 36 -17.65 -16.77 -37.75
CA LEU B 36 -16.93 -16.52 -39.00
C LEU B 36 -16.61 -15.02 -39.05
N MET B 37 -15.76 -14.65 -39.99
CA MET B 37 -15.40 -13.26 -40.22
C MET B 37 -15.95 -12.83 -41.57
N VAL B 38 -16.71 -11.75 -41.65
CA VAL B 38 -17.17 -11.27 -42.95
C VAL B 38 -15.99 -10.43 -43.48
N VAL B 39 -15.27 -10.91 -44.48
CA VAL B 39 -14.13 -10.15 -45.00
C VAL B 39 -14.57 -8.97 -45.86
N MET B 40 -14.61 -7.78 -45.29
CA MET B 40 -14.98 -6.59 -46.07
C MET B 40 -13.78 -6.16 -46.91
N ASP B 41 -12.61 -6.32 -46.31
CA ASP B 41 -11.33 -5.96 -46.88
C ASP B 41 -10.29 -6.88 -46.26
N GLU B 42 -9.02 -6.57 -46.55
CA GLU B 42 -7.91 -7.28 -45.91
C GLU B 42 -7.75 -6.73 -44.49
N ARG B 43 -8.25 -5.52 -44.25
CA ARG B 43 -8.14 -4.87 -42.97
C ARG B 43 -9.34 -5.09 -42.04
N ASP B 44 -10.58 -4.95 -42.47
CA ASP B 44 -11.66 -5.17 -41.49
C ASP B 44 -12.49 -6.40 -41.82
N LYS B 45 -12.27 -7.35 -40.92
CA LYS B 45 -12.91 -8.65 -40.85
C LYS B 45 -13.85 -8.56 -39.65
N ARG B 46 -15.15 -8.55 -39.92
CA ARG B 46 -16.14 -8.43 -38.84
C ARG B 46 -16.74 -9.78 -38.52
N PRO B 47 -16.61 -10.18 -37.27
CA PRO B 47 -17.04 -11.44 -36.72
C PRO B 47 -18.53 -11.54 -36.50
N PHE B 48 -19.10 -12.70 -36.80
CA PHE B 48 -20.53 -12.98 -36.65
C PHE B 48 -20.63 -14.48 -36.32
N SER B 49 -21.34 -14.78 -35.24
CA SER B 49 -21.51 -16.17 -34.82
C SER B 49 -22.43 -16.91 -35.78
N MET B 50 -22.08 -18.14 -36.13
CA MET B 50 -23.02 -18.90 -36.95
C MET B 50 -24.26 -19.17 -36.08
N ALA B 51 -25.42 -18.87 -36.60
CA ALA B 51 -26.71 -19.07 -35.98
C ALA B 51 -27.33 -20.42 -36.34
N SER B 52 -26.81 -21.04 -37.40
CA SER B 52 -27.29 -22.34 -37.81
C SER B 52 -26.40 -23.39 -37.17
N THR B 53 -26.86 -24.63 -37.19
CA THR B 53 -26.10 -25.76 -36.64
C THR B 53 -25.20 -26.30 -37.73
N PRO B 54 -24.08 -26.88 -37.36
CA PRO B 54 -23.13 -27.49 -38.28
C PRO B 54 -23.75 -28.66 -39.02
N ASP B 55 -24.78 -29.28 -38.42
CA ASP B 55 -25.56 -30.34 -39.03
C ASP B 55 -26.26 -29.85 -40.30
N GLU B 56 -26.62 -28.58 -40.39
CA GLU B 56 -27.24 -28.02 -41.57
C GLU B 56 -26.16 -27.77 -42.62
N LYS B 57 -26.03 -28.72 -43.56
CA LYS B 57 -24.98 -28.61 -44.57
C LYS B 57 -25.37 -27.84 -45.81
N GLY B 58 -26.63 -27.47 -45.95
CA GLY B 58 -27.10 -26.75 -47.12
C GLY B 58 -26.93 -25.26 -47.12
N PHE B 59 -26.47 -24.68 -46.01
CA PHE B 59 -26.29 -23.25 -45.88
C PHE B 59 -25.78 -22.91 -44.48
N ILE B 60 -25.36 -21.67 -44.33
CA ILE B 60 -24.93 -21.09 -43.07
C ILE B 60 -25.84 -19.87 -42.82
N GLU B 61 -26.37 -19.78 -41.60
CA GLU B 61 -27.26 -18.66 -41.29
C GLU B 61 -26.57 -17.71 -40.31
N LEU B 62 -26.75 -16.41 -40.52
CA LEU B 62 -26.25 -15.37 -39.66
C LEU B 62 -27.40 -14.42 -39.31
N HIS B 63 -27.33 -13.87 -38.10
CA HIS B 63 -28.32 -12.88 -37.66
C HIS B 63 -27.49 -11.60 -37.47
N ILE B 64 -27.57 -10.71 -38.45
CA ILE B 64 -26.77 -9.49 -38.45
C ILE B 64 -27.57 -8.28 -38.00
N GLY B 65 -26.99 -7.52 -37.09
CA GLY B 65 -27.62 -6.33 -36.53
C GLY B 65 -27.35 -6.28 -35.02
N TYR B 72 -22.59 0.45 -38.06
CA TYR B 72 -21.32 -0.14 -38.49
C TYR B 72 -21.51 -1.51 -39.13
N ALA B 73 -22.51 -2.23 -38.63
CA ALA B 73 -22.88 -3.55 -39.12
C ALA B 73 -23.80 -3.41 -40.33
N LYS B 74 -24.28 -2.19 -40.53
CA LYS B 74 -25.10 -1.78 -41.65
C LYS B 74 -24.27 -1.74 -42.92
N ALA B 75 -22.97 -1.48 -42.78
CA ALA B 75 -22.03 -1.48 -43.88
C ALA B 75 -21.92 -2.87 -44.48
N VAL B 76 -21.90 -3.89 -43.63
CA VAL B 76 -21.87 -5.29 -44.05
C VAL B 76 -23.16 -5.62 -44.80
N MET B 77 -24.28 -5.16 -44.27
CA MET B 77 -25.58 -5.37 -44.88
C MET B 77 -25.73 -4.68 -46.22
N ASP B 78 -25.11 -3.51 -46.40
CA ASP B 78 -25.14 -2.81 -47.68
C ASP B 78 -24.35 -3.60 -48.72
N ARG B 79 -23.25 -4.21 -48.26
CA ARG B 79 -22.41 -5.07 -49.08
C ARG B 79 -23.19 -6.30 -49.53
N ILE B 80 -24.01 -6.85 -48.65
CA ILE B 80 -24.80 -8.04 -48.91
C ILE B 80 -26.01 -7.84 -49.80
N LEU B 81 -26.70 -6.71 -49.76
CA LEU B 81 -27.90 -6.50 -50.57
C LEU B 81 -27.62 -6.00 -51.98
N LYS B 82 -26.40 -5.52 -52.20
CA LYS B 82 -26.00 -4.93 -53.47
C LYS B 82 -24.83 -5.64 -54.12
N ASP B 83 -24.71 -6.93 -53.85
CA ASP B 83 -23.67 -7.78 -54.39
C ASP B 83 -24.25 -9.19 -54.48
N HIS B 84 -25.00 -9.53 -53.42
CA HIS B 84 -25.63 -10.82 -53.21
C HIS B 84 -24.53 -11.87 -53.10
N GLN B 85 -23.36 -11.47 -52.63
CA GLN B 85 -22.14 -12.22 -52.59
C GLN B 85 -21.15 -11.69 -51.54
N ILE B 86 -20.74 -12.57 -50.63
CA ILE B 86 -19.76 -12.21 -49.63
C ILE B 86 -18.67 -13.29 -49.52
N VAL B 87 -17.53 -12.83 -49.02
CA VAL B 87 -16.38 -13.66 -48.72
C VAL B 87 -16.33 -13.82 -47.20
N VAL B 88 -16.04 -15.01 -46.69
CA VAL B 88 -15.94 -15.22 -45.25
C VAL B 88 -14.70 -16.05 -44.94
N ASP B 89 -14.28 -15.98 -43.69
CA ASP B 89 -13.15 -16.74 -43.16
C ASP B 89 -13.71 -17.54 -41.98
N ILE B 90 -13.73 -18.86 -42.08
CA ILE B 90 -14.37 -19.74 -41.10
C ILE B 90 -13.69 -21.08 -40.96
N PRO B 91 -13.68 -21.62 -39.75
CA PRO B 91 -14.27 -21.08 -38.55
C PRO B 91 -13.34 -20.52 -37.49
N HIS B 92 -13.83 -19.78 -36.51
CA HIS B 92 -12.98 -19.25 -35.45
C HIS B 92 -13.68 -19.40 -34.09
N GLY B 93 -12.92 -19.38 -33.00
CA GLY B 93 -13.44 -19.41 -31.67
C GLY B 93 -13.26 -20.70 -30.90
N GLU B 94 -13.14 -20.62 -29.57
CA GLU B 94 -12.95 -21.80 -28.74
C GLU B 94 -14.07 -22.07 -27.74
N ALA B 95 -15.22 -21.41 -27.91
CA ALA B 95 -16.33 -21.57 -26.99
C ALA B 95 -17.48 -22.44 -27.54
N TRP B 96 -17.11 -23.38 -28.40
CA TRP B 96 -18.06 -24.28 -29.03
C TRP B 96 -18.60 -25.32 -28.05
N LEU B 97 -19.69 -25.95 -28.45
CA LEU B 97 -20.36 -26.97 -27.66
C LEU B 97 -19.41 -28.11 -27.31
N ARG B 98 -19.25 -28.36 -26.02
CA ARG B 98 -18.43 -29.46 -25.55
C ARG B 98 -19.09 -30.82 -25.79
N ASP B 99 -18.26 -31.83 -25.93
CA ASP B 99 -18.72 -33.20 -26.16
C ASP B 99 -19.59 -33.73 -25.03
N ASP B 100 -19.22 -33.50 -23.79
CA ASP B 100 -19.98 -33.94 -22.63
C ASP B 100 -21.49 -34.01 -22.88
N GLU B 101 -22.08 -35.12 -22.47
CA GLU B 101 -23.52 -35.33 -22.67
C GLU B 101 -24.23 -35.71 -21.37
N GLU B 102 -23.66 -35.37 -20.22
CA GLU B 102 -24.33 -35.70 -18.97
C GLU B 102 -24.55 -34.50 -18.06
N ARG B 103 -23.75 -33.44 -18.11
CA ARG B 103 -24.01 -32.30 -17.22
C ARG B 103 -24.96 -31.29 -17.85
N PRO B 104 -25.89 -30.82 -17.04
CA PRO B 104 -26.89 -29.86 -17.43
C PRO B 104 -26.24 -28.60 -18.02
N MET B 105 -26.98 -27.98 -18.94
CA MET B 105 -26.54 -26.80 -19.63
C MET B 105 -27.34 -25.53 -19.36
N ILE B 106 -26.58 -24.44 -19.22
CA ILE B 106 -27.15 -23.11 -19.11
C ILE B 106 -26.63 -22.29 -20.30
N LEU B 107 -27.53 -21.72 -21.08
CA LEU B 107 -27.14 -20.90 -22.22
C LEU B 107 -27.56 -19.45 -21.94
N ILE B 108 -26.62 -18.51 -22.09
CA ILE B 108 -26.97 -17.11 -21.86
C ILE B 108 -26.64 -16.27 -23.09
N ALA B 109 -27.61 -15.60 -23.64
CA ALA B 109 -27.51 -14.72 -24.77
C ALA B 109 -27.85 -13.33 -24.23
N GLY B 110 -26.82 -12.53 -23.99
CA GLY B 110 -26.96 -11.22 -23.43
C GLY B 110 -27.58 -10.15 -24.30
N GLY B 111 -26.95 -9.75 -25.40
CA GLY B 111 -27.50 -8.68 -26.22
C GLY B 111 -27.54 -9.10 -27.69
N THR B 112 -26.38 -9.48 -28.19
CA THR B 112 -26.21 -9.88 -29.58
C THR B 112 -25.85 -11.36 -29.73
N GLY B 113 -25.82 -12.12 -28.66
CA GLY B 113 -25.39 -13.51 -28.68
C GLY B 113 -26.43 -14.57 -28.91
N PHE B 114 -27.61 -14.29 -29.42
CA PHE B 114 -28.60 -15.33 -29.67
C PHE B 114 -28.14 -16.24 -30.80
N SER B 115 -27.45 -15.72 -31.83
CA SER B 115 -26.91 -16.58 -32.87
C SER B 115 -26.03 -17.67 -32.25
N TYR B 116 -25.06 -17.27 -31.43
CA TYR B 116 -24.21 -18.23 -30.73
C TYR B 116 -25.02 -19.26 -29.93
N ALA B 117 -25.97 -18.77 -29.14
CA ALA B 117 -26.80 -19.65 -28.34
C ALA B 117 -27.68 -20.56 -29.17
N ARG B 118 -28.26 -20.08 -30.25
CA ARG B 118 -29.15 -20.85 -31.12
C ARG B 118 -28.45 -22.06 -31.72
N SER B 119 -27.24 -21.89 -32.24
CA SER B 119 -26.49 -22.99 -32.86
C SER B 119 -26.13 -24.04 -31.83
N ILE B 120 -25.73 -23.60 -30.63
CA ILE B 120 -25.42 -24.57 -29.57
C ILE B 120 -26.70 -25.30 -29.18
N LEU B 121 -27.78 -24.54 -28.96
CA LEU B 121 -29.05 -25.15 -28.60
C LEU B 121 -29.48 -26.21 -29.59
N LEU B 122 -29.62 -25.83 -30.86
CA LEU B 122 -30.10 -26.74 -31.90
C LEU B 122 -29.21 -27.96 -32.05
N THR B 123 -27.89 -27.79 -31.91
CA THR B 123 -27.02 -28.95 -32.04
C THR B 123 -27.15 -29.92 -30.88
N ALA B 124 -27.24 -29.40 -29.65
CA ALA B 124 -27.30 -30.28 -28.48
C ALA B 124 -28.65 -31.00 -28.43
N LEU B 125 -29.72 -30.35 -28.84
CA LEU B 125 -31.02 -30.98 -28.89
C LEU B 125 -31.08 -32.05 -29.99
N ALA B 126 -30.38 -31.85 -31.10
CA ALA B 126 -30.36 -32.85 -32.16
C ALA B 126 -29.62 -34.07 -31.62
N ARG B 127 -28.55 -33.82 -30.88
CA ARG B 127 -27.74 -34.87 -30.30
C ARG B 127 -28.46 -35.69 -29.24
N ASN B 128 -29.20 -35.00 -28.39
CA ASN B 128 -29.95 -35.59 -27.31
C ASN B 128 -31.14 -34.67 -27.09
N PRO B 129 -32.29 -35.12 -27.57
CA PRO B 129 -33.54 -34.39 -27.49
C PRO B 129 -34.01 -34.18 -26.06
N ASN B 130 -33.56 -34.97 -25.12
CA ASN B 130 -34.00 -34.85 -23.72
C ASN B 130 -33.00 -34.08 -22.85
N ARG B 131 -32.00 -33.50 -23.52
CA ARG B 131 -31.03 -32.68 -22.82
C ARG B 131 -31.60 -31.66 -21.85
N ASP B 132 -31.01 -31.55 -20.68
CA ASP B 132 -31.44 -30.54 -19.70
C ASP B 132 -30.72 -29.24 -20.05
N ILE B 133 -31.43 -28.33 -20.71
CA ILE B 133 -30.89 -27.06 -21.12
C ILE B 133 -31.81 -25.91 -20.66
N THR B 134 -31.23 -24.84 -20.13
CA THR B 134 -32.01 -23.67 -19.75
C THR B 134 -31.40 -22.48 -20.53
N ILE B 135 -32.22 -21.85 -21.37
CA ILE B 135 -31.73 -20.71 -22.11
C ILE B 135 -32.27 -19.40 -21.57
N TYR B 136 -31.34 -18.53 -21.21
CA TYR B 136 -31.68 -17.17 -20.79
C TYR B 136 -31.37 -16.23 -21.95
N TRP B 137 -32.32 -15.40 -22.31
CA TRP B 137 -32.14 -14.45 -23.38
C TRP B 137 -32.56 -13.06 -22.91
N GLY B 138 -31.57 -12.19 -22.75
CA GLY B 138 -31.79 -10.83 -22.28
C GLY B 138 -31.96 -9.79 -23.36
N GLY B 139 -32.84 -8.84 -23.11
CA GLY B 139 -33.11 -7.77 -24.06
C GLY B 139 -33.53 -6.52 -23.28
N ARG B 140 -33.35 -5.36 -23.91
CA ARG B 140 -33.78 -4.14 -23.23
C ARG B 140 -35.31 -4.10 -23.31
N GLU B 141 -35.85 -4.40 -24.47
CA GLU B 141 -37.27 -4.44 -24.72
C GLU B 141 -37.75 -5.83 -25.14
N GLU B 142 -39.07 -6.02 -25.01
CA GLU B 142 -39.71 -7.27 -25.37
C GLU B 142 -39.48 -7.66 -26.83
N GLN B 143 -39.59 -6.70 -27.74
CA GLN B 143 -39.36 -6.88 -29.15
C GLN B 143 -37.95 -7.28 -29.52
N HIS B 144 -36.96 -7.10 -28.65
CA HIS B 144 -35.60 -7.51 -28.92
C HIS B 144 -35.45 -9.03 -28.85
N LEU B 145 -36.36 -9.72 -28.18
CA LEU B 145 -36.32 -11.19 -28.11
C LEU B 145 -37.09 -11.74 -29.30
N TYR B 146 -36.65 -11.50 -30.52
CA TYR B 146 -37.36 -11.77 -31.75
C TYR B 146 -37.73 -13.22 -32.06
N ASP B 147 -37.01 -14.23 -31.58
CA ASP B 147 -37.41 -15.60 -31.89
C ASP B 147 -37.96 -16.32 -30.67
N LEU B 148 -38.45 -15.54 -29.70
CA LEU B 148 -38.97 -16.07 -28.44
C LEU B 148 -40.07 -17.09 -28.72
N CYS B 149 -41.10 -16.63 -29.38
CA CYS B 149 -42.21 -17.40 -29.87
C CYS B 149 -41.88 -18.84 -30.23
N GLU B 150 -40.92 -19.03 -31.11
CA GLU B 150 -40.41 -20.29 -31.62
C GLU B 150 -39.58 -21.07 -30.64
N LEU B 151 -38.96 -20.34 -29.71
CA LEU B 151 -38.18 -20.99 -28.65
C LEU B 151 -39.23 -21.66 -27.74
N GLU B 152 -40.30 -20.93 -27.46
CA GLU B 152 -41.35 -21.41 -26.58
C GLU B 152 -42.09 -22.60 -27.14
N ALA B 153 -42.32 -22.65 -28.45
CA ALA B 153 -42.93 -23.86 -29.04
C ALA B 153 -41.90 -24.97 -29.03
N LEU B 154 -40.61 -24.65 -29.19
CA LEU B 154 -39.56 -25.65 -29.14
C LEU B 154 -39.50 -26.34 -27.79
N SER B 155 -39.68 -25.58 -26.70
CA SER B 155 -39.65 -26.12 -25.34
C SER B 155 -40.76 -27.13 -25.09
N LEU B 156 -41.90 -26.96 -25.73
CA LEU B 156 -43.05 -27.85 -25.70
C LEU B 156 -42.67 -29.27 -26.11
N LYS B 157 -41.83 -29.44 -27.13
CA LYS B 157 -41.44 -30.78 -27.56
C LYS B 157 -40.17 -31.32 -26.92
N HIS B 158 -39.40 -30.45 -26.27
CA HIS B 158 -38.19 -30.93 -25.58
C HIS B 158 -38.38 -30.80 -24.07
N PRO B 159 -38.54 -31.93 -23.42
CA PRO B 159 -38.81 -32.04 -21.99
C PRO B 159 -37.77 -31.41 -21.09
N GLY B 160 -36.48 -31.41 -21.40
CA GLY B 160 -35.48 -30.80 -20.56
C GLY B 160 -35.19 -29.33 -20.88
N LEU B 161 -35.83 -28.76 -21.90
CA LEU B 161 -35.56 -27.40 -22.29
C LEU B 161 -36.43 -26.40 -21.56
N GLN B 162 -35.79 -25.39 -20.96
CA GLN B 162 -36.55 -24.30 -20.34
C GLN B 162 -36.07 -22.96 -20.93
N VAL B 163 -37.01 -22.13 -21.31
CA VAL B 163 -36.78 -20.83 -21.94
C VAL B 163 -37.10 -19.70 -20.99
N VAL B 164 -36.11 -18.86 -20.66
CA VAL B 164 -36.32 -17.74 -19.74
C VAL B 164 -35.97 -16.40 -20.37
N PRO B 165 -36.97 -15.73 -20.86
CA PRO B 165 -36.85 -14.44 -21.51
C PRO B 165 -36.71 -13.36 -20.44
N VAL B 166 -35.66 -12.56 -20.48
CA VAL B 166 -35.44 -11.52 -19.48
C VAL B 166 -35.45 -10.13 -20.12
N VAL B 167 -36.43 -9.29 -19.78
CA VAL B 167 -36.56 -7.96 -20.37
C VAL B 167 -36.26 -6.81 -19.44
N GLU B 168 -35.41 -5.88 -19.86
CA GLU B 168 -35.05 -4.74 -19.02
C GLU B 168 -36.19 -3.78 -18.75
N GLN B 169 -36.97 -3.41 -19.75
CA GLN B 169 -38.12 -2.53 -19.56
C GLN B 169 -39.37 -3.14 -20.18
N PRO B 170 -40.08 -3.93 -19.38
CA PRO B 170 -41.27 -4.64 -19.78
C PRO B 170 -42.43 -3.72 -20.15
N GLU B 171 -43.41 -4.31 -20.82
CA GLU B 171 -44.62 -3.62 -21.25
C GLU B 171 -45.75 -3.99 -20.30
N ALA B 172 -46.94 -3.47 -20.54
CA ALA B 172 -48.13 -3.71 -19.74
C ALA B 172 -48.09 -4.88 -18.77
N GLY B 173 -48.51 -6.05 -19.23
CA GLY B 173 -48.58 -7.21 -18.36
C GLY B 173 -47.52 -8.26 -18.66
N TRP B 174 -46.30 -7.81 -18.96
CA TRP B 174 -45.23 -8.78 -19.24
C TRP B 174 -45.21 -9.75 -18.06
N ARG B 175 -45.25 -11.03 -18.38
CA ARG B 175 -45.34 -12.09 -17.37
C ARG B 175 -44.05 -12.88 -17.30
N GLY B 176 -42.96 -12.26 -17.74
CA GLY B 176 -41.64 -12.90 -17.73
C GLY B 176 -40.76 -12.32 -16.64
N ARG B 177 -39.48 -12.68 -16.67
CA ARG B 177 -38.55 -12.16 -15.66
C ARG B 177 -38.12 -10.76 -16.03
N THR B 178 -37.67 -9.93 -15.08
CA THR B 178 -37.42 -8.53 -15.39
C THR B 178 -36.03 -7.95 -15.34
N GLY B 179 -35.03 -8.33 -14.58
CA GLY B 179 -33.79 -7.53 -14.64
C GLY B 179 -32.97 -7.76 -15.90
N THR B 180 -31.81 -8.31 -15.66
CA THR B 180 -30.78 -8.73 -16.58
C THR B 180 -30.62 -10.25 -16.38
N VAL B 181 -29.98 -10.91 -17.33
CA VAL B 181 -29.86 -12.35 -17.28
C VAL B 181 -29.09 -12.85 -16.07
N LEU B 182 -28.05 -12.16 -15.62
CA LEU B 182 -27.27 -12.69 -14.50
C LEU B 182 -28.15 -12.85 -13.27
N THR B 183 -29.00 -11.85 -13.00
CA THR B 183 -29.91 -11.95 -11.85
C THR B 183 -30.79 -13.19 -11.96
N ALA B 184 -31.43 -13.42 -13.11
CA ALA B 184 -32.28 -14.60 -13.30
C ALA B 184 -31.50 -15.89 -13.10
N VAL B 185 -30.25 -15.97 -13.57
CA VAL B 185 -29.47 -17.20 -13.38
C VAL B 185 -29.28 -17.44 -11.89
N LEU B 186 -28.83 -16.44 -11.16
CA LEU B 186 -28.62 -16.50 -9.72
C LEU B 186 -29.88 -16.88 -8.95
N GLN B 187 -31.02 -16.33 -9.31
CA GLN B 187 -32.29 -16.65 -8.66
C GLN B 187 -32.67 -18.11 -8.86
N ASP B 188 -32.50 -18.66 -10.05
CA ASP B 188 -32.86 -20.02 -10.38
C ASP B 188 -31.97 -21.12 -9.82
N HIS B 189 -30.68 -20.90 -9.58
CA HIS B 189 -29.78 -21.97 -9.18
C HIS B 189 -29.01 -21.72 -7.91
N GLY B 190 -29.20 -22.56 -6.89
CA GLY B 190 -28.43 -22.43 -5.64
C GLY B 190 -26.94 -22.69 -5.81
N THR B 191 -26.55 -23.60 -6.67
CA THR B 191 -25.16 -23.92 -6.98
C THR B 191 -25.09 -24.11 -8.49
N LEU B 192 -23.99 -23.68 -9.09
CA LEU B 192 -23.76 -23.75 -10.51
C LEU B 192 -22.62 -24.72 -10.77
N ALA B 193 -22.23 -25.45 -9.72
CA ALA B 193 -21.13 -26.40 -9.85
C ALA B 193 -21.42 -27.57 -10.79
N GLU B 194 -22.65 -27.94 -11.05
CA GLU B 194 -22.92 -29.07 -11.94
C GLU B 194 -23.10 -28.68 -13.41
N HIS B 195 -23.37 -27.40 -13.65
CA HIS B 195 -23.63 -26.94 -15.00
C HIS B 195 -22.43 -26.61 -15.87
N ASP B 196 -22.68 -26.73 -17.16
CA ASP B 196 -21.81 -26.35 -18.25
C ASP B 196 -22.48 -25.05 -18.76
N ILE B 197 -21.78 -23.92 -18.68
CA ILE B 197 -22.38 -22.63 -18.98
C ILE B 197 -21.79 -21.98 -20.23
N TYR B 198 -22.63 -21.54 -21.15
CA TYR B 198 -22.19 -20.94 -22.41
C TYR B 198 -22.75 -19.54 -22.54
N ILE B 199 -21.88 -18.54 -22.71
CA ILE B 199 -22.33 -17.15 -22.68
C ILE B 199 -21.92 -16.29 -23.88
N ALA B 200 -22.82 -15.44 -24.33
CA ALA B 200 -22.57 -14.51 -25.41
C ALA B 200 -23.36 -13.21 -25.19
N GLY B 201 -22.70 -12.13 -25.59
CA GLY B 201 -23.27 -10.79 -25.50
C GLY B 201 -22.13 -9.81 -25.20
N ARG B 202 -22.43 -8.83 -24.36
CA ARG B 202 -21.38 -7.85 -24.03
C ARG B 202 -20.29 -8.53 -23.23
N PHE B 203 -19.03 -8.27 -23.57
CA PHE B 203 -17.87 -8.83 -22.89
C PHE B 203 -17.80 -8.53 -21.40
N GLU B 204 -18.29 -7.38 -20.96
CA GLU B 204 -18.28 -7.00 -19.55
C GLU B 204 -19.25 -7.90 -18.80
N MET B 205 -20.41 -8.09 -19.42
CA MET B 205 -21.41 -9.02 -18.88
C MET B 205 -20.79 -10.39 -18.68
N ALA B 206 -20.02 -10.93 -19.61
CA ALA B 206 -19.39 -12.24 -19.48
C ALA B 206 -18.33 -12.27 -18.39
N LYS B 207 -17.56 -11.18 -18.29
CA LYS B 207 -16.52 -11.15 -17.25
C LYS B 207 -17.16 -11.07 -15.87
N ILE B 208 -18.17 -10.23 -15.71
CA ILE B 208 -18.86 -10.16 -14.41
C ILE B 208 -19.47 -11.55 -14.15
N ALA B 209 -20.15 -12.11 -15.17
CA ALA B 209 -20.77 -13.42 -15.03
C ALA B 209 -19.77 -14.47 -14.57
N ARG B 210 -18.61 -14.56 -15.21
CA ARG B 210 -17.61 -15.55 -14.83
C ARG B 210 -17.22 -15.42 -13.36
N ASP B 211 -16.84 -14.21 -12.97
CA ASP B 211 -16.41 -13.92 -11.61
C ASP B 211 -17.50 -14.19 -10.59
N LEU B 212 -18.73 -13.74 -10.79
CA LEU B 212 -19.79 -13.97 -9.82
C LEU B 212 -20.18 -15.44 -9.71
N PHE B 213 -20.29 -16.13 -10.86
CA PHE B 213 -20.73 -17.52 -10.81
C PHE B 213 -19.68 -18.36 -10.10
N CYS B 214 -18.39 -18.24 -10.44
CA CYS B 214 -17.38 -19.06 -9.79
C CYS B 214 -17.14 -18.64 -8.34
N SER B 215 -17.27 -17.35 -8.01
CA SER B 215 -16.99 -16.93 -6.66
C SER B 215 -18.18 -17.17 -5.73
N GLU B 216 -19.37 -16.84 -6.22
CA GLU B 216 -20.57 -16.89 -5.41
C GLU B 216 -21.54 -18.02 -5.67
N ARG B 217 -21.28 -18.92 -6.61
CA ARG B 217 -22.19 -20.02 -6.89
C ARG B 217 -21.39 -21.32 -7.08
N ASN B 218 -20.08 -21.24 -6.85
CA ASN B 218 -19.21 -22.38 -7.01
C ASN B 218 -19.03 -22.88 -8.44
N ALA B 219 -19.29 -22.03 -9.45
CA ALA B 219 -19.16 -22.53 -10.82
C ALA B 219 -17.73 -22.98 -11.08
N ARG B 220 -17.60 -23.98 -11.94
CA ARG B 220 -16.29 -24.43 -12.37
C ARG B 220 -15.90 -23.53 -13.55
N GLU B 221 -14.77 -22.86 -13.42
CA GLU B 221 -14.24 -21.96 -14.44
C GLU B 221 -13.94 -22.68 -15.74
N ASP B 222 -13.49 -23.93 -15.69
CA ASP B 222 -13.20 -24.73 -16.86
C ASP B 222 -14.44 -25.28 -17.55
N ARG B 223 -15.62 -25.06 -16.98
CA ARG B 223 -16.87 -25.54 -17.58
C ARG B 223 -17.76 -24.34 -17.89
N LEU B 224 -17.09 -23.20 -18.07
CA LEU B 224 -17.70 -21.93 -18.37
C LEU B 224 -17.18 -21.35 -19.69
N PHE B 225 -17.99 -21.39 -20.75
CA PHE B 225 -17.57 -20.99 -22.08
C PHE B 225 -18.18 -19.70 -22.63
N GLY B 226 -17.39 -19.01 -23.46
CA GLY B 226 -17.86 -17.79 -24.13
C GLY B 226 -16.73 -17.18 -24.93
N ASP B 227 -17.01 -16.57 -26.08
CA ASP B 227 -15.97 -15.92 -26.87
C ASP B 227 -15.22 -14.85 -26.06
N ALA B 228 -15.91 -14.14 -25.15
CA ALA B 228 -15.26 -13.11 -24.35
C ALA B 228 -14.06 -13.59 -23.57
N PHE B 229 -13.96 -14.85 -23.16
CA PHE B 229 -12.79 -15.32 -22.40
C PHE B 229 -11.53 -15.44 -23.20
N ALA B 230 -11.55 -15.32 -24.52
CA ALA B 230 -10.35 -15.33 -25.34
C ALA B 230 -9.70 -13.95 -25.40
N PHE B 231 -10.45 -12.88 -25.13
CA PHE B 231 -9.94 -11.52 -25.25
C PHE B 231 -9.49 -10.91 -23.93
N ILE B 232 -10.38 -10.84 -22.94
CA ILE B 232 -9.96 -10.30 -21.64
C ILE B 232 -9.74 -11.48 -20.69
N THR C 1 7.71 9.94 47.33
CA THR C 1 7.64 10.97 48.41
C THR C 1 8.54 12.15 48.04
N THR C 2 8.07 13.36 48.23
CA THR C 2 8.83 14.57 47.93
C THR C 2 9.69 14.99 49.12
N LEU C 3 10.99 15.09 48.90
CA LEU C 3 11.90 15.41 49.99
C LEU C 3 12.78 16.62 49.75
N SER C 4 13.01 17.36 50.84
CA SER C 4 13.97 18.48 50.75
C SER C 4 15.30 17.84 51.17
N CYS C 5 16.38 18.10 50.47
CA CYS C 5 17.66 17.49 50.78
C CYS C 5 18.79 18.51 50.70
N LYS C 6 19.81 18.30 51.53
CA LYS C 6 20.97 19.18 51.50
C LYS C 6 22.04 18.52 50.63
N VAL C 7 22.69 19.33 49.79
CA VAL C 7 23.80 18.83 48.99
C VAL C 7 25.03 18.93 49.90
N THR C 8 25.63 17.80 50.27
CA THR C 8 26.79 17.83 51.14
C THR C 8 28.09 17.53 50.40
N SER C 9 28.03 17.19 49.11
CA SER C 9 29.28 16.87 48.40
C SER C 9 29.10 16.88 46.89
N VAL C 10 29.97 17.63 46.22
CA VAL C 10 29.99 17.72 44.77
C VAL C 10 31.42 17.41 44.32
N GLU C 11 31.57 16.34 43.54
CA GLU C 11 32.88 15.96 43.03
C GLU C 11 32.80 15.74 41.51
N ALA C 12 33.60 16.49 40.77
CA ALA C 12 33.64 16.32 39.32
C ALA C 12 34.35 15.00 39.03
N ILE C 13 33.61 13.98 38.58
CA ILE C 13 34.29 12.70 38.33
C ILE C 13 35.08 12.86 37.03
N THR C 14 34.41 13.36 36.01
CA THR C 14 35.03 13.62 34.71
C THR C 14 34.78 15.10 34.39
N ASP C 15 35.12 15.49 33.16
CA ASP C 15 34.88 16.85 32.71
C ASP C 15 33.37 17.06 32.51
N THR C 16 32.59 16.00 32.28
CA THR C 16 31.16 16.19 32.11
C THR C 16 30.26 15.60 33.18
N VAL C 17 30.77 14.77 34.08
CA VAL C 17 29.94 14.13 35.10
C VAL C 17 30.36 14.53 36.51
N TYR C 18 29.38 14.73 37.37
CA TYR C 18 29.59 15.06 38.77
C TYR C 18 29.07 13.97 39.71
N ARG C 19 29.85 13.68 40.74
CA ARG C 19 29.45 12.80 41.83
C ARG C 19 28.80 13.72 42.87
N VAL C 20 27.48 13.61 43.01
CA VAL C 20 26.73 14.42 43.95
C VAL C 20 26.14 13.54 45.07
N ARG C 21 26.32 13.95 46.32
CA ARG C 21 25.75 13.21 47.44
C ARG C 21 24.77 14.12 48.15
N ILE C 22 23.58 13.60 48.43
CA ILE C 22 22.53 14.39 49.05
C ILE C 22 21.98 13.72 50.31
N VAL C 23 21.50 14.52 51.26
CA VAL C 23 20.98 14.10 52.55
C VAL C 23 19.60 14.70 52.79
N PRO C 24 18.59 13.85 52.71
CA PRO C 24 17.20 14.22 52.91
C PRO C 24 16.97 14.57 54.37
N ASP C 25 15.95 15.36 54.63
CA ASP C 25 15.60 15.74 55.99
C ASP C 25 14.67 14.74 56.66
N ALA C 26 14.09 13.85 55.87
CA ALA C 26 13.16 12.84 56.35
C ALA C 26 13.56 11.47 55.80
N ALA C 27 12.87 10.42 56.25
CA ALA C 27 13.19 9.06 55.82
C ALA C 27 12.84 8.81 54.36
N PHE C 28 13.66 8.00 53.70
CA PHE C 28 13.39 7.67 52.28
C PHE C 28 13.55 6.16 52.06
N SER C 29 12.98 5.71 50.95
CA SER C 29 13.04 4.29 50.60
C SER C 29 13.10 4.08 49.09
N PHE C 30 13.88 3.09 48.66
CA PHE C 30 13.94 2.79 47.23
C PHE C 30 14.47 1.37 47.00
N ARG C 31 14.31 0.81 45.80
CA ARG C 31 14.86 -0.53 45.51
C ARG C 31 16.08 -0.30 44.64
N ALA C 32 17.14 -1.09 44.74
CA ALA C 32 18.31 -0.83 43.88
C ALA C 32 17.87 -0.84 42.42
N GLY C 33 18.27 0.16 41.65
CA GLY C 33 17.89 0.27 40.24
C GLY C 33 16.79 1.29 40.00
N GLN C 34 16.16 1.78 41.09
CA GLN C 34 15.07 2.73 40.91
C GLN C 34 15.67 4.13 40.73
N TYR C 35 14.84 5.09 40.31
CA TYR C 35 15.33 6.45 40.15
C TYR C 35 14.49 7.46 40.91
N LEU C 36 15.06 8.68 41.00
CA LEU C 36 14.33 9.79 41.64
C LEU C 36 14.18 10.89 40.59
N MET C 37 13.35 11.88 40.88
CA MET C 37 13.14 13.04 40.05
C MET C 37 13.64 14.29 40.79
N VAL C 38 14.43 15.11 40.12
CA VAL C 38 14.86 16.37 40.73
C VAL C 38 13.78 17.40 40.39
N VAL C 39 13.12 17.95 41.40
CA VAL C 39 12.05 18.90 41.11
C VAL C 39 12.56 20.33 40.92
N MET C 40 12.78 20.70 39.66
CA MET C 40 13.21 22.06 39.32
C MET C 40 12.02 23.00 39.50
N ASP C 41 10.92 22.64 38.86
CA ASP C 41 9.65 23.34 38.89
C ASP C 41 8.55 22.34 39.24
N GLU C 42 7.29 22.77 39.11
CA GLU C 42 6.17 21.86 39.32
C GLU C 42 5.78 21.22 37.98
N ARG C 43 6.50 21.58 36.93
CA ARG C 43 6.33 21.07 35.59
C ARG C 43 7.66 20.56 35.04
N ASP C 44 8.71 20.69 35.84
CA ASP C 44 10.04 20.31 35.41
C ASP C 44 10.71 19.30 36.35
N LYS C 45 10.52 18.02 36.09
CA LYS C 45 11.13 16.99 36.93
C LYS C 45 12.12 16.17 36.10
N ARG C 46 13.38 16.16 36.52
CA ARG C 46 14.45 15.48 35.83
C ARG C 46 14.88 14.22 36.57
N PRO C 47 14.82 13.09 35.89
CA PRO C 47 15.09 11.78 36.42
C PRO C 47 16.56 11.46 36.51
N PHE C 48 17.00 10.97 37.66
CA PHE C 48 18.39 10.56 37.86
C PHE C 48 18.31 9.24 38.62
N SER C 49 19.10 8.25 38.26
CA SER C 49 19.04 6.95 38.93
C SER C 49 19.86 6.99 40.23
N MET C 50 19.41 6.38 41.33
CA MET C 50 20.29 6.42 42.51
C MET C 50 21.54 5.58 42.20
N ALA C 51 22.73 6.06 42.52
CA ALA C 51 23.96 5.31 42.31
C ALA C 51 24.39 4.59 43.59
N SER C 52 23.82 5.09 44.69
CA SER C 52 24.09 4.47 45.99
C SER C 52 23.11 3.32 46.23
N THR C 53 23.45 2.51 47.22
CA THR C 53 22.64 1.37 47.64
C THR C 53 21.59 1.86 48.62
N PRO C 54 20.43 1.22 48.63
CA PRO C 54 19.35 1.53 49.53
C PRO C 54 19.72 1.17 50.96
N ASP C 55 20.70 0.31 51.19
CA ASP C 55 21.27 -0.04 52.47
C ASP C 55 21.95 1.19 53.09
N GLU C 56 22.50 2.05 52.23
CA GLU C 56 23.17 3.29 52.64
C GLU C 56 22.16 4.36 53.00
N LYS C 57 21.82 4.44 54.29
CA LYS C 57 20.83 5.35 54.81
C LYS C 57 21.36 6.72 55.22
N GLY C 58 22.63 7.02 55.03
CA GLY C 58 23.18 8.33 55.39
C GLY C 58 23.09 9.35 54.26
N PHE C 59 22.95 8.88 53.03
CA PHE C 59 22.91 9.74 51.85
C PHE C 59 22.41 9.01 50.62
N ILE C 60 22.09 9.78 49.60
CA ILE C 60 21.72 9.26 48.28
C ILE C 60 22.83 9.78 47.34
N GLU C 61 23.42 8.96 46.50
CA GLU C 61 24.44 9.43 45.58
C GLU C 61 23.92 9.44 44.14
N LEU C 62 24.05 10.56 43.46
CA LEU C 62 23.66 10.72 42.07
C LEU C 62 24.91 11.07 41.25
N HIS C 63 24.90 10.67 39.99
CA HIS C 63 26.00 10.94 39.06
C HIS C 63 25.36 11.74 37.94
N ILE C 64 25.46 13.06 38.00
CA ILE C 64 24.82 13.97 37.06
C ILE C 64 25.79 14.48 36.00
N GLY C 65 25.39 14.31 34.74
CA GLY C 65 26.17 14.72 33.58
C GLY C 65 26.15 13.57 32.58
N TYR C 72 20.67 20.50 29.89
CA TYR C 72 19.66 20.42 30.94
C TYR C 72 19.99 19.38 32.01
N ALA C 73 21.28 19.20 32.18
CA ALA C 73 21.94 18.41 33.21
C ALA C 73 22.85 19.44 33.92
N LYS C 74 23.09 20.50 33.15
CA LYS C 74 23.86 21.67 33.56
C LYS C 74 22.94 22.57 34.37
N ALA C 75 21.68 22.65 33.96
CA ALA C 75 20.67 23.44 34.65
C ALA C 75 20.46 22.89 36.06
N VAL C 76 20.44 21.57 36.19
CA VAL C 76 20.30 20.90 37.47
C VAL C 76 21.54 21.14 38.32
N MET C 77 22.70 21.13 37.69
CA MET C 77 23.96 21.36 38.37
C MET C 77 24.09 22.83 38.78
N ASP C 78 23.62 23.78 37.99
CA ASP C 78 23.66 25.19 38.35
C ASP C 78 22.90 25.42 39.66
N ARG C 79 21.71 24.84 39.78
CA ARG C 79 20.91 24.96 40.99
C ARG C 79 21.57 24.28 42.17
N ILE C 80 22.20 23.13 41.95
CA ILE C 80 22.86 22.43 43.05
C ILE C 80 24.02 23.26 43.58
N LEU C 81 24.91 23.69 42.71
CA LEU C 81 26.07 24.49 43.08
C LEU C 81 25.72 25.74 43.87
N LYS C 82 24.85 26.59 43.32
CA LYS C 82 24.43 27.82 43.93
C LYS C 82 23.58 27.68 45.19
N ASP C 83 22.73 26.67 45.27
CA ASP C 83 21.86 26.56 46.45
C ASP C 83 22.36 25.53 47.45
N HIS C 84 22.89 24.42 46.96
CA HIS C 84 23.31 23.30 47.81
C HIS C 84 22.11 22.64 48.47
N GLN C 85 20.93 22.76 47.86
CA GLN C 85 19.70 22.20 48.36
C GLN C 85 18.77 21.94 47.17
N ILE C 86 18.15 20.76 47.18
CA ILE C 86 17.23 20.39 46.14
C ILE C 86 16.05 19.60 46.73
N VAL C 87 15.02 19.58 45.92
CA VAL C 87 13.79 18.86 46.18
C VAL C 87 13.72 17.68 45.21
N VAL C 88 13.56 16.47 45.75
CA VAL C 88 13.44 15.29 44.91
C VAL C 88 12.18 14.49 45.25
N ASP C 89 11.69 13.84 44.22
CA ASP C 89 10.52 12.97 44.30
C ASP C 89 11.08 11.54 44.13
N ILE C 90 11.04 10.73 45.18
CA ILE C 90 11.60 9.38 45.16
C ILE C 90 10.74 8.39 45.93
N PRO C 91 10.67 7.15 45.47
CA PRO C 91 11.32 6.59 44.32
C PRO C 91 10.45 6.24 43.13
N HIS C 92 11.05 6.12 41.95
CA HIS C 92 10.35 5.77 40.71
C HIS C 92 11.09 4.65 39.99
N GLY C 93 10.45 4.02 39.02
CA GLY C 93 11.04 2.96 38.23
C GLY C 93 10.56 1.54 38.51
N GLU C 94 10.44 0.73 37.46
CA GLU C 94 10.02 -0.66 37.60
C GLU C 94 11.17 -1.63 37.38
N ALA C 95 12.38 -1.10 37.21
CA ALA C 95 13.51 -1.93 36.80
C ALA C 95 14.47 -2.31 37.91
N TRP C 96 14.02 -2.52 39.12
CA TRP C 96 14.93 -2.82 40.23
C TRP C 96 15.44 -4.25 40.34
N LEU C 97 16.36 -4.46 41.26
CA LEU C 97 16.94 -5.77 41.52
C LEU C 97 15.85 -6.77 41.96
N ARG C 98 15.82 -7.90 41.27
CA ARG C 98 14.86 -8.97 41.55
C ARG C 98 15.32 -9.83 42.70
N ASP C 99 14.43 -10.62 43.30
CA ASP C 99 14.78 -11.51 44.41
C ASP C 99 15.58 -12.71 43.95
N ASP C 100 15.37 -13.19 42.74
CA ASP C 100 16.09 -14.38 42.28
C ASP C 100 17.51 -14.48 42.78
N GLU C 101 17.83 -15.61 43.42
CA GLU C 101 19.18 -15.78 43.97
C GLU C 101 20.03 -16.75 43.16
N GLU C 102 19.42 -17.43 42.18
CA GLU C 102 20.15 -18.41 41.42
C GLU C 102 20.57 -18.00 40.01
N ARG C 103 19.78 -17.25 39.27
CA ARG C 103 20.17 -16.91 37.90
C ARG C 103 21.39 -15.99 37.86
N PRO C 104 22.34 -16.32 37.01
CA PRO C 104 23.57 -15.57 36.80
C PRO C 104 23.18 -14.19 36.24
N MET C 105 23.85 -13.12 36.65
CA MET C 105 23.45 -11.79 36.24
C MET C 105 24.40 -11.06 35.28
N ILE C 106 23.81 -10.27 34.39
CA ILE C 106 24.54 -9.42 33.47
C ILE C 106 24.02 -7.99 33.62
N LEU C 107 24.91 -7.06 33.91
CA LEU C 107 24.52 -5.65 34.08
C LEU C 107 25.15 -4.86 32.93
N ILE C 108 24.39 -4.02 32.24
CA ILE C 108 24.90 -3.27 31.10
C ILE C 108 24.75 -1.77 31.32
N ALA C 109 25.88 -1.07 31.33
CA ALA C 109 25.84 0.39 31.42
C ALA C 109 26.49 1.01 30.19
N GLY C 110 25.73 1.88 29.56
CA GLY C 110 26.17 2.64 28.38
C GLY C 110 26.01 4.12 28.73
N GLY C 111 26.74 4.97 28.02
CA GLY C 111 26.69 6.40 28.26
C GLY C 111 26.33 6.71 29.71
N THR C 112 25.06 7.03 29.90
CA THR C 112 24.46 7.40 31.14
C THR C 112 24.06 6.37 32.18
N GLY C 113 24.17 5.07 32.00
CA GLY C 113 23.62 4.19 33.01
C GLY C 113 24.43 3.57 34.10
N PHE C 114 25.68 3.95 34.34
CA PHE C 114 26.48 3.36 35.41
C PHE C 114 25.82 3.47 36.78
N SER C 115 25.15 4.57 37.07
CA SER C 115 24.45 4.78 38.33
C SER C 115 23.52 3.60 38.61
N TYR C 116 22.60 3.36 37.66
CA TYR C 116 21.68 2.24 37.80
C TYR C 116 22.43 0.92 38.01
N ALA C 117 23.45 0.60 37.21
CA ALA C 117 24.19 -0.62 37.35
C ALA C 117 24.90 -0.75 38.71
N ARG C 118 25.44 0.38 39.17
CA ARG C 118 26.25 0.40 40.37
C ARG C 118 25.37 0.14 41.59
N SER C 119 24.19 0.74 41.61
CA SER C 119 23.23 0.48 42.68
C SER C 119 22.89 -1.00 42.73
N ILE C 120 22.53 -1.62 41.61
CA ILE C 120 22.20 -3.04 41.61
C ILE C 120 23.38 -3.92 41.98
N LEU C 121 24.55 -3.60 41.39
CA LEU C 121 25.76 -4.35 41.68
C LEU C 121 26.05 -4.42 43.17
N LEU C 122 26.20 -3.28 43.82
CA LEU C 122 26.55 -3.23 45.24
C LEU C 122 25.49 -3.91 46.10
N THR C 123 24.21 -3.70 45.80
CA THR C 123 23.14 -4.36 46.55
C THR C 123 23.18 -5.88 46.34
N ALA C 124 23.37 -6.33 45.11
CA ALA C 124 23.44 -7.77 44.82
C ALA C 124 24.63 -8.40 45.53
N LEU C 125 25.79 -7.74 45.57
CA LEU C 125 26.98 -8.27 46.23
C LEU C 125 26.86 -8.26 47.75
N ALA C 126 26.07 -7.37 48.33
CA ALA C 126 25.87 -7.38 49.78
C ALA C 126 25.01 -8.59 50.16
N ARG C 127 24.00 -8.96 49.38
CA ARG C 127 23.16 -10.10 49.66
C ARG C 127 23.91 -11.43 49.50
N ASN C 128 24.85 -11.51 48.57
CA ASN C 128 25.64 -12.67 48.25
C ASN C 128 26.96 -12.23 47.63
N PRO C 129 28.04 -12.22 48.39
CA PRO C 129 29.36 -11.80 47.99
C PRO C 129 29.98 -12.69 46.92
N ASN C 130 29.44 -13.90 46.71
CA ASN C 130 29.94 -14.81 45.70
C ASN C 130 28.97 -14.87 44.52
N ARG C 131 28.09 -13.88 44.42
CA ARG C 131 27.12 -13.91 43.32
C ARG C 131 27.80 -13.91 41.95
N ASP C 132 27.26 -14.70 41.02
CA ASP C 132 27.83 -14.74 39.66
C ASP C 132 27.32 -13.53 38.89
N ILE C 133 28.14 -12.50 38.71
CA ILE C 133 27.76 -11.25 38.07
C ILE C 133 28.82 -10.76 37.07
N THR C 134 28.44 -10.35 35.86
CA THR C 134 29.33 -9.78 34.87
C THR C 134 28.82 -8.38 34.50
N ILE C 135 29.61 -7.31 34.69
CA ILE C 135 29.17 -5.95 34.41
C ILE C 135 29.92 -5.41 33.17
N TYR C 136 29.13 -5.01 32.19
CA TYR C 136 29.63 -4.44 30.96
C TYR C 136 29.42 -2.93 31.01
N TRP C 137 30.49 -2.18 30.75
CA TRP C 137 30.41 -0.72 30.72
C TRP C 137 31.08 -0.24 29.43
N GLY C 138 30.26 0.30 28.54
CA GLY C 138 30.77 0.76 27.25
C GLY C 138 30.90 2.29 27.32
N GLY C 139 31.86 2.82 26.60
CA GLY C 139 32.11 4.25 26.52
C GLY C 139 32.87 4.54 25.22
N ARG C 140 32.71 5.75 24.70
CA ARG C 140 33.39 6.12 23.47
C ARG C 140 34.89 6.13 23.72
N GLU C 141 35.34 6.71 24.84
CA GLU C 141 36.74 6.72 25.18
C GLU C 141 36.93 6.20 26.62
N GLU C 142 38.17 5.77 26.85
CA GLU C 142 38.59 5.22 28.12
C GLU C 142 38.34 6.14 29.30
N GLN C 143 38.43 7.45 29.16
CA GLN C 143 38.20 8.38 30.27
C GLN C 143 36.72 8.51 30.63
N HIS C 144 35.82 8.07 29.75
CA HIS C 144 34.38 8.08 30.06
C HIS C 144 34.04 7.06 31.13
N LEU C 145 34.84 6.01 31.31
CA LEU C 145 34.59 4.97 32.30
C LEU C 145 35.33 5.30 33.59
N TYR C 146 34.83 6.32 34.27
CA TYR C 146 35.40 6.89 35.46
C TYR C 146 35.59 6.00 36.67
N ASP C 147 34.81 4.94 36.91
CA ASP C 147 35.09 4.22 38.16
C ASP C 147 35.65 2.83 37.89
N LEU C 148 36.66 2.79 37.01
CA LEU C 148 37.25 1.52 36.58
C LEU C 148 38.09 0.86 37.66
N CYS C 149 39.00 1.61 38.26
CA CYS C 149 39.84 1.09 39.34
C CYS C 149 38.97 0.57 40.48
N GLU C 150 37.92 1.30 40.82
CA GLU C 150 36.94 0.89 41.81
C GLU C 150 36.28 -0.43 41.40
N LEU C 151 35.85 -0.56 40.14
CA LEU C 151 35.23 -1.78 39.67
C LEU C 151 36.18 -2.96 39.70
N GLU C 152 37.43 -2.70 39.32
CA GLU C 152 38.46 -3.74 39.32
C GLU C 152 38.78 -4.21 40.72
N ALA C 153 38.83 -3.30 41.69
CA ALA C 153 39.08 -3.70 43.05
C ALA C 153 37.92 -4.59 43.50
N LEU C 154 36.69 -4.26 43.10
CA LEU C 154 35.55 -5.10 43.46
C LEU C 154 35.68 -6.48 42.83
N SER C 155 36.07 -6.55 41.54
CA SER C 155 36.23 -7.84 40.90
C SER C 155 37.30 -8.70 41.57
N LEU C 156 38.35 -8.10 42.12
CA LEU C 156 39.37 -8.86 42.83
C LEU C 156 38.82 -9.46 44.12
N LYS C 157 37.96 -8.70 44.79
CA LYS C 157 37.28 -9.07 46.01
C LYS C 157 36.21 -10.14 45.90
N HIS C 158 35.36 -10.12 44.88
CA HIS C 158 34.23 -11.03 44.72
C HIS C 158 34.47 -12.05 43.63
N PRO C 159 34.50 -13.31 44.02
CA PRO C 159 34.83 -14.44 43.17
C PRO C 159 33.93 -14.69 41.98
N GLY C 160 32.68 -14.29 41.96
CA GLY C 160 31.85 -14.47 40.77
C GLY C 160 31.68 -13.14 40.05
N LEU C 161 32.41 -12.11 40.48
CA LEU C 161 32.24 -10.82 39.82
C LEU C 161 33.17 -10.65 38.62
N GLN C 162 32.67 -10.26 37.44
CA GLN C 162 33.58 -9.98 36.33
C GLN C 162 33.27 -8.58 35.76
N VAL C 163 34.30 -7.75 35.65
CA VAL C 163 34.17 -6.40 35.11
C VAL C 163 34.72 -6.37 33.69
N VAL C 164 33.92 -5.99 32.71
CA VAL C 164 34.35 -5.91 31.31
C VAL C 164 34.06 -4.51 30.74
N PRO C 165 35.05 -3.63 30.76
CA PRO C 165 35.01 -2.31 30.19
C PRO C 165 35.14 -2.42 28.67
N VAL C 166 34.36 -1.70 27.87
CA VAL C 166 34.42 -1.80 26.43
C VAL C 166 34.50 -0.38 25.83
N VAL C 167 35.63 -0.12 25.18
CA VAL C 167 35.92 1.20 24.60
C VAL C 167 35.80 1.21 23.08
N GLU C 168 35.01 2.10 22.50
CA GLU C 168 34.89 2.14 21.04
C GLU C 168 36.14 2.68 20.38
N GLN C 169 36.77 3.71 20.96
CA GLN C 169 37.96 4.32 20.40
C GLN C 169 39.11 4.32 21.39
N PRO C 170 39.81 3.19 21.44
CA PRO C 170 40.92 2.95 22.33
C PRO C 170 42.17 3.71 21.92
N GLU C 171 43.00 3.95 22.92
CA GLU C 171 44.30 4.59 22.72
C GLU C 171 45.35 3.48 22.83
N ALA C 172 46.60 3.82 22.70
CA ALA C 172 47.78 2.99 22.71
C ALA C 172 47.73 1.60 23.29
N GLY C 173 47.84 1.44 24.60
CA GLY C 173 47.89 0.12 25.20
C GLY C 173 46.63 -0.24 25.97
N TRP C 174 45.59 -0.64 25.25
CA TRP C 174 44.34 -1.01 25.90
C TRP C 174 44.00 -2.49 25.68
N ARG C 175 44.13 -3.30 26.73
CA ARG C 175 43.63 -4.68 26.68
C ARG C 175 42.14 -4.50 27.00
N GLY C 176 41.35 -5.50 27.31
CA GLY C 176 39.92 -5.16 27.55
C GLY C 176 39.38 -4.90 26.14
N ARG C 177 38.07 -4.99 26.02
CA ARG C 177 37.36 -4.95 24.76
C ARG C 177 37.34 -3.61 24.07
N THR C 178 36.92 -3.67 22.81
CA THR C 178 36.92 -2.55 21.88
C THR C 178 35.67 -2.36 21.07
N GLY C 179 34.75 -3.32 20.92
CA GLY C 179 33.61 -2.93 20.04
C GLY C 179 32.65 -2.01 20.78
N THR C 180 31.41 -2.47 20.78
CA THR C 180 30.26 -1.99 21.48
C THR C 180 29.95 -3.11 22.50
N VAL C 181 29.13 -2.80 23.48
CA VAL C 181 28.79 -3.78 24.50
C VAL C 181 27.96 -4.93 23.97
N LEU C 182 26.97 -4.71 23.11
CA LEU C 182 26.13 -5.79 22.62
C LEU C 182 26.94 -6.90 21.97
N THR C 183 27.93 -6.58 21.13
CA THR C 183 28.78 -7.59 20.51
C THR C 183 29.58 -8.35 21.56
N ALA C 184 30.11 -7.68 22.58
CA ALA C 184 30.91 -8.34 23.60
C ALA C 184 30.08 -9.34 24.44
N VAL C 185 28.82 -9.01 24.67
CA VAL C 185 27.96 -9.90 25.43
C VAL C 185 27.73 -11.16 24.58
N LEU C 186 27.44 -10.99 23.29
CA LEU C 186 27.21 -12.10 22.38
C LEU C 186 28.43 -13.03 22.35
N GLN C 187 29.61 -12.41 22.27
CA GLN C 187 30.86 -13.15 22.25
C GLN C 187 31.12 -13.92 23.54
N ASP C 188 30.75 -13.41 24.71
CA ASP C 188 31.03 -14.15 25.94
C ASP C 188 29.99 -15.20 26.28
N HIS C 189 28.78 -15.17 25.71
CA HIS C 189 27.72 -16.10 26.12
C HIS C 189 27.07 -16.78 24.93
N GLY C 190 27.18 -18.11 24.89
CA GLY C 190 26.59 -18.89 23.80
C GLY C 190 25.07 -18.87 23.89
N THR C 191 24.54 -18.98 25.10
CA THR C 191 23.14 -18.87 25.37
C THR C 191 22.90 -17.90 26.55
N LEU C 192 21.79 -17.16 26.49
CA LEU C 192 21.49 -16.24 27.59
C LEU C 192 20.20 -16.66 28.28
N ALA C 193 19.73 -17.87 27.99
CA ALA C 193 18.50 -18.41 28.54
C ALA C 193 18.50 -18.47 30.08
N GLU C 194 19.58 -18.75 30.75
CA GLU C 194 19.66 -18.80 32.19
C GLU C 194 19.91 -17.46 32.88
N HIS C 195 20.09 -16.35 32.18
CA HIS C 195 20.47 -15.13 32.90
C HIS C 195 19.37 -14.12 33.22
N ASP C 196 19.69 -13.24 34.14
CA ASP C 196 18.95 -12.04 34.52
C ASP C 196 19.79 -10.88 33.97
N ILE C 197 19.26 -10.10 33.06
CA ILE C 197 20.04 -9.08 32.38
C ILE C 197 19.44 -7.71 32.69
N TYR C 198 20.30 -6.80 33.14
CA TYR C 198 19.86 -5.45 33.50
C TYR C 198 20.59 -4.42 32.66
N ILE C 199 19.84 -3.47 32.11
CA ILE C 199 20.35 -2.53 31.16
C ILE C 199 19.99 -1.07 31.44
N ALA C 200 21.01 -0.21 31.43
CA ALA C 200 20.82 1.22 31.48
C ALA C 200 21.71 1.88 30.41
N GLY C 201 21.17 2.90 29.78
CA GLY C 201 21.91 3.68 28.78
C GLY C 201 20.86 4.29 27.84
N ARG C 202 21.21 4.45 26.58
CA ARG C 202 20.22 4.94 25.62
C ARG C 202 19.13 3.90 25.41
N PHE C 203 17.88 4.35 25.34
CA PHE C 203 16.72 3.51 25.12
C PHE C 203 16.80 2.73 23.83
N GLU C 204 17.34 3.33 22.76
CA GLU C 204 17.48 2.58 21.52
C GLU C 204 18.44 1.40 21.71
N MET C 205 19.55 1.63 22.42
CA MET C 205 20.48 0.53 22.67
C MET C 205 19.78 -0.60 23.44
N ALA C 206 19.04 -0.25 24.50
CA ALA C 206 18.31 -1.19 25.31
C ALA C 206 17.28 -1.94 24.48
N LYS C 207 16.53 -1.24 23.65
CA LYS C 207 15.58 -1.81 22.71
C LYS C 207 16.26 -2.83 21.80
N ILE C 208 17.38 -2.48 21.16
CA ILE C 208 18.07 -3.45 20.30
C ILE C 208 18.62 -4.63 21.10
N ALA C 209 19.17 -4.37 22.29
CA ALA C 209 19.73 -5.45 23.10
C ALA C 209 18.67 -6.48 23.51
N ARG C 210 17.51 -6.03 23.97
CA ARG C 210 16.45 -6.98 24.29
C ARG C 210 16.18 -7.88 23.06
N ASP C 211 15.86 -7.26 21.94
CA ASP C 211 15.52 -8.03 20.73
C ASP C 211 16.66 -8.95 20.30
N LEU C 212 17.89 -8.42 20.28
CA LEU C 212 19.05 -9.22 19.92
C LEU C 212 19.24 -10.45 20.80
N PHE C 213 19.21 -10.23 22.12
CA PHE C 213 19.46 -11.33 23.06
C PHE C 213 18.35 -12.38 23.02
N CYS C 214 17.10 -11.95 22.91
CA CYS C 214 15.99 -12.91 22.84
C CYS C 214 16.09 -13.64 21.49
N SER C 215 16.28 -12.94 20.40
CA SER C 215 16.33 -13.54 19.07
C SER C 215 17.55 -14.40 18.81
N GLU C 216 18.77 -13.95 19.09
CA GLU C 216 19.98 -14.70 18.81
C GLU C 216 20.55 -15.51 19.96
N ARG C 217 20.16 -15.24 21.20
CA ARG C 217 20.78 -15.95 22.33
C ARG C 217 19.79 -16.65 23.23
N ASN C 218 18.54 -16.75 22.77
CA ASN C 218 17.49 -17.39 23.54
C ASN C 218 17.24 -16.76 24.91
N ALA C 219 17.36 -15.44 25.05
CA ALA C 219 17.15 -14.83 26.36
C ALA C 219 15.70 -14.86 26.78
N ARG C 220 15.46 -14.80 28.07
CA ARG C 220 14.09 -14.71 28.60
C ARG C 220 13.68 -13.23 28.58
N GLU C 221 12.70 -12.89 27.78
CA GLU C 221 12.18 -11.53 27.67
C GLU C 221 11.65 -11.00 29.00
N ASP C 222 11.13 -11.88 29.84
CA ASP C 222 10.58 -11.52 31.14
C ASP C 222 11.70 -11.32 32.15
N ARG C 223 12.92 -11.71 31.79
CA ARG C 223 14.07 -11.50 32.67
C ARG C 223 15.00 -10.44 32.08
N LEU C 224 14.48 -9.62 31.18
CA LEU C 224 15.17 -8.47 30.60
C LEU C 224 14.64 -7.21 31.32
N PHE C 225 15.43 -6.62 32.18
CA PHE C 225 15.04 -5.45 32.95
C PHE C 225 15.71 -4.14 32.54
N GLY C 226 14.98 -3.01 32.64
CA GLY C 226 15.64 -1.73 32.33
C GLY C 226 14.58 -0.67 32.16
N ASP C 227 14.93 0.58 32.53
CA ASP C 227 13.94 1.65 32.44
C ASP C 227 13.36 1.83 31.04
N ALA C 228 14.15 1.57 30.01
CA ALA C 228 13.66 1.72 28.63
C ALA C 228 12.45 0.83 28.40
N PHE C 229 12.40 -0.33 29.04
CA PHE C 229 11.25 -1.23 28.87
C PHE C 229 9.98 -0.71 29.51
N ALA C 230 9.94 0.37 30.30
CA ALA C 230 8.69 0.89 30.82
C ALA C 230 7.90 1.72 29.80
N PHE C 231 8.47 2.09 28.66
CA PHE C 231 7.68 2.98 27.77
C PHE C 231 6.72 2.25 26.88
N ILE C 232 5.45 2.68 26.95
CA ILE C 232 4.37 2.03 26.23
C ILE C 232 3.58 3.04 25.41
N THR D 1 26.98 23.67 -3.27
CA THR D 1 26.34 24.94 -3.70
C THR D 1 25.16 25.34 -2.82
N THR D 2 25.02 26.63 -2.57
CA THR D 2 23.97 27.17 -1.71
C THR D 2 22.89 27.80 -2.57
N LEU D 3 21.69 27.27 -2.54
CA LEU D 3 20.61 27.66 -3.41
C LEU D 3 19.28 27.93 -2.71
N SER D 4 18.57 28.94 -3.21
CA SER D 4 17.25 29.26 -2.67
C SER D 4 16.26 28.32 -3.36
N CYS D 5 15.34 27.70 -2.65
CA CYS D 5 14.42 26.76 -3.28
C CYS D 5 12.96 27.06 -2.99
N LYS D 6 12.11 26.88 -4.00
CA LYS D 6 10.67 27.05 -3.79
C LYS D 6 10.10 25.70 -3.31
N VAL D 7 9.27 25.76 -2.29
CA VAL D 7 8.62 24.54 -1.80
C VAL D 7 7.31 24.42 -2.59
N THR D 8 7.23 23.38 -3.40
CA THR D 8 6.04 23.20 -4.23
C THR D 8 5.02 22.28 -3.61
N SER D 9 5.39 21.44 -2.62
CA SER D 9 4.38 20.63 -1.97
C SER D 9 4.87 20.12 -0.62
N VAL D 10 3.93 20.09 0.31
CA VAL D 10 4.14 19.71 1.70
C VAL D 10 3.00 18.77 2.08
N GLU D 11 3.31 17.49 2.27
CA GLU D 11 2.24 16.56 2.64
C GLU D 11 2.61 15.87 3.94
N ALA D 12 1.70 15.93 4.91
CA ALA D 12 1.92 15.21 6.16
C ALA D 12 1.61 13.74 5.86
N ILE D 13 2.59 12.86 5.90
CA ILE D 13 2.38 11.45 5.55
C ILE D 13 2.32 10.56 6.77
N THR D 14 2.53 11.15 7.92
CA THR D 14 2.41 10.49 9.22
C THR D 14 2.10 11.59 10.22
N ASP D 15 1.89 11.27 11.49
CA ASP D 15 1.66 12.26 12.51
C ASP D 15 2.84 13.21 12.72
N THR D 16 4.03 12.74 12.41
CA THR D 16 5.25 13.51 12.59
C THR D 16 6.13 13.64 11.36
N VAL D 17 5.78 13.02 10.23
CA VAL D 17 6.62 13.07 9.05
C VAL D 17 5.89 13.74 7.89
N TYR D 18 6.64 14.61 7.22
CA TYR D 18 6.19 15.29 6.01
C TYR D 18 6.99 14.91 4.76
N ARG D 19 6.27 14.79 3.65
CA ARG D 19 6.91 14.61 2.34
C ARG D 19 6.98 16.02 1.74
N VAL D 20 8.19 16.49 1.44
CA VAL D 20 8.39 17.84 0.94
C VAL D 20 9.12 17.85 -0.41
N ARG D 21 8.57 18.64 -1.34
CA ARG D 21 9.19 18.80 -2.64
C ARG D 21 9.66 20.24 -2.81
N ILE D 22 10.95 20.40 -3.10
CA ILE D 22 11.52 21.71 -3.34
C ILE D 22 12.14 21.76 -4.74
N VAL D 23 12.17 22.94 -5.34
CA VAL D 23 12.73 23.19 -6.66
C VAL D 23 13.70 24.37 -6.55
N PRO D 24 14.99 24.10 -6.61
CA PRO D 24 16.06 25.08 -6.49
C PRO D 24 16.03 26.11 -7.60
N ASP D 25 16.51 27.31 -7.36
CA ASP D 25 16.58 28.37 -8.34
C ASP D 25 17.64 28.16 -9.42
N ALA D 26 18.57 27.24 -9.21
CA ALA D 26 19.65 26.99 -10.14
C ALA D 26 20.00 25.50 -10.14
N ALA D 27 20.94 25.14 -11.00
CA ALA D 27 21.36 23.76 -11.18
C ALA D 27 21.92 23.23 -9.87
N PHE D 28 21.66 21.96 -9.62
CA PHE D 28 22.10 21.29 -8.40
C PHE D 28 22.52 19.91 -8.86
N SER D 29 23.33 19.22 -8.07
CA SER D 29 23.80 17.90 -8.46
C SER D 29 24.19 17.13 -7.19
N PHE D 30 23.91 15.83 -7.10
CA PHE D 30 24.26 15.08 -5.91
C PHE D 30 24.43 13.61 -6.26
N ARG D 31 25.00 12.80 -5.40
CA ARG D 31 25.07 11.36 -5.59
C ARG D 31 23.99 10.73 -4.69
N ALA D 32 23.32 9.70 -5.17
CA ALA D 32 22.30 9.05 -4.34
C ALA D 32 22.90 8.63 -3.01
N GLY D 33 22.26 8.99 -1.92
CA GLY D 33 22.74 8.70 -0.59
C GLY D 33 23.31 9.94 0.09
N GLN D 34 23.55 11.02 -0.67
CA GLN D 34 24.07 12.21 -0.03
C GLN D 34 22.96 13.01 0.64
N TYR D 35 23.37 13.97 1.47
CA TYR D 35 22.36 14.82 2.11
C TYR D 35 22.63 16.30 1.86
N LEU D 36 21.71 17.16 2.25
CA LEU D 36 21.85 18.60 2.08
C LEU D 36 21.69 19.28 3.44
N MET D 37 22.02 20.55 3.59
CA MET D 37 21.84 21.24 4.85
C MET D 37 20.79 22.33 4.65
N VAL D 38 19.77 22.33 5.50
CA VAL D 38 18.74 23.38 5.41
C VAL D 38 19.36 24.58 6.15
N VAL D 39 19.52 25.72 5.51
CA VAL D 39 20.16 26.85 6.22
C VAL D 39 19.09 27.61 6.98
N MET D 40 19.03 27.39 8.29
CA MET D 40 18.02 28.02 9.13
C MET D 40 18.43 29.43 9.54
N ASP D 41 19.71 29.57 9.85
CA ASP D 41 20.33 30.84 10.24
C ASP D 41 21.76 30.74 9.71
N GLU D 42 22.55 31.80 9.68
CA GLU D 42 23.89 31.68 9.11
C GLU D 42 24.87 30.80 9.87
N ARG D 43 24.56 30.38 11.10
CA ARG D 43 25.37 29.44 11.84
C ARG D 43 24.53 28.21 12.25
N ASP D 44 23.37 28.02 11.64
CA ASP D 44 22.49 26.91 11.99
C ASP D 44 22.07 26.09 10.77
N LYS D 45 22.81 25.03 10.51
CA LYS D 45 22.66 24.13 9.38
C LYS D 45 22.13 22.75 9.80
N ARG D 46 21.04 22.31 9.19
CA ARG D 46 20.36 21.06 9.54
C ARG D 46 20.24 20.10 8.36
N PRO D 47 20.81 18.92 8.51
CA PRO D 47 20.92 17.90 7.50
C PRO D 47 19.70 17.05 7.26
N PHE D 48 19.34 16.82 6.02
CA PHE D 48 18.22 15.99 5.59
C PHE D 48 18.74 15.24 4.37
N SER D 49 18.46 13.95 4.28
CA SER D 49 18.89 13.15 3.15
C SER D 49 17.97 13.40 1.95
N MET D 50 18.56 13.47 0.75
CA MET D 50 17.69 13.58 -0.43
C MET D 50 16.97 12.23 -0.58
N ALA D 51 15.65 12.31 -0.71
CA ALA D 51 14.81 11.11 -0.84
C ALA D 51 14.58 10.74 -2.29
N SER D 52 14.82 11.72 -3.17
CA SER D 52 14.65 11.52 -4.60
C SER D 52 16.00 11.11 -5.17
N THR D 53 15.96 10.50 -6.34
CA THR D 53 17.17 10.10 -7.05
C THR D 53 17.76 11.30 -7.76
N PRO D 54 19.06 11.34 -7.98
CA PRO D 54 19.74 12.32 -8.79
C PRO D 54 19.31 12.27 -10.25
N ASP D 55 18.64 11.23 -10.73
CA ASP D 55 18.11 11.28 -12.09
C ASP D 55 16.96 12.30 -12.15
N GLU D 56 16.19 12.46 -11.08
CA GLU D 56 15.10 13.42 -11.04
C GLU D 56 15.64 14.86 -10.96
N LYS D 57 15.55 15.57 -12.10
CA LYS D 57 16.14 16.90 -12.20
C LYS D 57 15.17 18.06 -12.00
N GLY D 58 13.87 17.81 -11.98
CA GLY D 58 12.92 18.89 -11.77
C GLY D 58 12.68 19.28 -10.33
N PHE D 59 13.19 18.54 -9.35
CA PHE D 59 12.90 18.84 -7.95
C PHE D 59 13.75 17.96 -7.07
N ILE D 60 13.59 18.16 -5.77
CA ILE D 60 14.26 17.35 -4.76
C ILE D 60 13.17 16.96 -3.73
N GLU D 61 13.21 15.70 -3.32
CA GLU D 61 12.24 15.24 -2.35
C GLU D 61 12.94 15.02 -1.02
N LEU D 62 12.34 15.53 0.04
CA LEU D 62 12.80 15.36 1.40
C LEU D 62 11.67 14.76 2.26
N HIS D 63 12.04 13.91 3.21
CA HIS D 63 11.17 13.30 4.20
C HIS D 63 11.64 13.82 5.55
N ILE D 64 10.87 14.73 6.14
CA ILE D 64 11.22 15.47 7.34
C ILE D 64 10.31 15.14 8.51
N GLY D 65 10.91 14.90 9.66
CA GLY D 65 10.19 14.55 10.89
C GLY D 65 10.33 13.04 11.04
N TYR D 72 13.28 20.32 16.65
CA TYR D 72 13.96 21.22 15.70
C TYR D 72 13.95 20.65 14.30
N ALA D 73 12.95 19.80 14.11
CA ALA D 73 12.48 19.23 12.85
C ALA D 73 11.14 19.99 12.67
N LYS D 74 10.66 20.39 13.84
CA LYS D 74 9.51 21.23 14.06
C LYS D 74 9.87 22.65 13.59
N ALA D 75 11.07 23.09 13.99
CA ALA D 75 11.58 24.39 13.58
C ALA D 75 11.81 24.37 12.06
N VAL D 76 12.43 23.30 11.52
CA VAL D 76 12.54 23.26 10.05
C VAL D 76 11.13 23.17 9.46
N MET D 77 10.21 22.36 9.97
CA MET D 77 8.86 22.34 9.36
C MET D 77 8.11 23.64 9.56
N ASP D 78 8.35 24.41 10.61
CA ASP D 78 7.75 25.71 10.82
C ASP D 78 8.20 26.71 9.73
N ARG D 79 9.52 26.74 9.49
CA ARG D 79 10.04 27.64 8.45
C ARG D 79 9.42 27.27 7.12
N ILE D 80 9.34 25.95 6.80
CA ILE D 80 8.78 25.54 5.52
C ILE D 80 7.31 25.93 5.38
N LEU D 81 6.51 25.73 6.41
CA LEU D 81 5.09 26.08 6.31
C LEU D 81 4.85 27.58 6.36
N LYS D 82 5.74 28.37 6.96
CA LYS D 82 5.59 29.82 6.98
C LYS D 82 5.87 30.44 5.61
N ASP D 83 7.03 30.10 5.07
CA ASP D 83 7.53 30.67 3.82
C ASP D 83 7.27 29.90 2.55
N HIS D 84 7.34 28.57 2.56
CA HIS D 84 7.23 27.80 1.31
C HIS D 84 8.40 28.17 0.42
N GLN D 85 9.56 28.30 1.06
CA GLN D 85 10.82 28.72 0.51
C GLN D 85 11.96 28.36 1.47
N ILE D 86 13.06 27.80 1.01
CA ILE D 86 14.15 27.49 1.90
C ILE D 86 15.47 27.59 1.15
N VAL D 87 16.52 27.83 1.90
CA VAL D 87 17.87 27.88 1.36
C VAL D 87 18.58 26.59 1.74
N VAL D 88 19.18 25.92 0.76
CA VAL D 88 19.85 24.65 1.04
C VAL D 88 21.29 24.73 0.55
N ASP D 89 22.16 24.00 1.24
CA ASP D 89 23.55 23.85 0.86
C ASP D 89 23.68 22.37 0.48
N ILE D 90 23.90 22.05 -0.77
CA ILE D 90 23.93 20.68 -1.28
C ILE D 90 25.05 20.44 -2.26
N PRO D 91 25.65 19.27 -2.27
CA PRO D 91 25.40 18.14 -1.41
C PRO D 91 26.52 17.78 -0.45
N HIS D 92 26.25 16.92 0.53
CA HIS D 92 27.24 16.48 1.51
C HIS D 92 27.18 14.96 1.71
N GLY D 93 28.21 14.38 2.30
CA GLY D 93 28.25 12.99 2.68
C GLY D 93 29.09 12.08 1.80
N GLU D 94 29.60 11.02 2.41
CA GLU D 94 30.43 10.05 1.73
C GLU D 94 29.82 8.66 1.73
N ALA D 95 28.51 8.53 1.96
CA ALA D 95 27.85 7.23 1.99
C ALA D 95 26.98 7.01 0.76
N TRP D 96 27.39 7.52 -0.38
CA TRP D 96 26.66 7.44 -1.63
C TRP D 96 26.79 6.07 -2.27
N LEU D 97 25.86 5.74 -3.17
CA LEU D 97 25.86 4.44 -3.81
C LEU D 97 27.18 4.16 -4.53
N ARG D 98 27.77 2.98 -4.31
CA ARG D 98 29.05 2.70 -4.98
C ARG D 98 28.83 2.25 -6.42
N ASP D 99 29.89 2.16 -7.22
CA ASP D 99 29.74 1.69 -8.60
C ASP D 99 29.51 0.18 -8.72
N ASP D 100 30.00 -0.62 -7.79
CA ASP D 100 29.87 -2.07 -7.85
C ASP D 100 28.57 -2.53 -8.48
N GLU D 101 28.70 -3.38 -9.51
CA GLU D 101 27.55 -3.83 -10.27
C GLU D 101 27.09 -5.23 -9.88
N GLU D 102 27.98 -5.96 -9.24
CA GLU D 102 27.71 -7.31 -8.77
C GLU D 102 27.59 -7.14 -7.25
N ARG D 103 27.58 -8.14 -6.42
CA ARG D 103 27.44 -7.92 -4.97
C ARG D 103 26.00 -7.47 -4.74
N PRO D 104 25.27 -8.34 -4.08
CA PRO D 104 23.89 -8.12 -3.70
C PRO D 104 23.92 -6.96 -2.68
N MET D 105 22.89 -6.13 -2.69
CA MET D 105 22.87 -4.98 -1.81
C MET D 105 21.81 -5.13 -0.70
N ILE D 106 22.18 -4.59 0.46
CA ILE D 106 21.30 -4.54 1.61
C ILE D 106 21.18 -3.07 2.04
N LEU D 107 19.96 -2.57 2.05
CA LEU D 107 19.68 -1.23 2.50
C LEU D 107 18.95 -1.37 3.85
N ILE D 108 19.44 -0.67 4.87
CA ILE D 108 18.80 -0.70 6.18
C ILE D 108 18.33 0.71 6.54
N ALA D 109 17.04 0.84 6.81
CA ALA D 109 16.44 2.10 7.21
C ALA D 109 15.72 1.96 8.55
N GLY D 110 15.97 2.88 9.48
CA GLY D 110 15.23 2.83 10.74
C GLY D 110 15.11 4.19 11.41
N GLY D 111 13.92 4.78 11.41
CA GLY D 111 13.79 6.10 12.07
C GLY D 111 13.57 7.14 10.98
N THR D 112 14.61 7.90 10.70
CA THR D 112 14.56 8.93 9.67
C THR D 112 15.10 8.44 8.33
N GLY D 113 15.94 7.42 8.38
CA GLY D 113 16.63 6.83 7.30
C GLY D 113 15.98 6.39 6.02
N PHE D 114 14.67 6.31 5.87
CA PHE D 114 14.06 5.83 4.64
C PHE D 114 14.45 6.69 3.44
N SER D 115 14.59 7.97 3.69
CA SER D 115 15.03 8.98 2.74
C SER D 115 16.29 8.55 2.00
N TYR D 116 17.32 8.21 2.77
CA TYR D 116 18.61 7.77 2.28
C TYR D 116 18.46 6.46 1.51
N ALA D 117 17.71 5.52 2.09
CA ALA D 117 17.50 4.23 1.42
C ALA D 117 16.72 4.37 0.12
N ARG D 118 15.71 5.23 0.09
CA ARG D 118 14.91 5.38 -1.12
C ARG D 118 15.74 5.92 -2.30
N SER D 119 16.55 6.97 -2.07
CA SER D 119 17.38 7.53 -3.14
C SER D 119 18.33 6.49 -3.74
N ILE D 120 19.01 5.71 -2.94
CA ILE D 120 19.90 4.65 -3.35
C ILE D 120 19.12 3.53 -4.07
N LEU D 121 17.96 3.16 -3.50
CA LEU D 121 17.15 2.11 -4.08
C LEU D 121 16.76 2.44 -5.53
N LEU D 122 16.13 3.59 -5.75
CA LEU D 122 15.68 4.04 -7.06
C LEU D 122 16.82 4.26 -8.05
N THR D 123 17.92 4.82 -7.60
CA THR D 123 19.08 5.01 -8.47
C THR D 123 19.63 3.66 -8.91
N ALA D 124 19.87 2.73 -7.98
CA ALA D 124 20.42 1.44 -8.37
C ALA D 124 19.46 0.63 -9.24
N LEU D 125 18.14 0.65 -9.01
CA LEU D 125 17.18 -0.05 -9.84
C LEU D 125 17.10 0.63 -11.21
N ALA D 126 17.33 1.95 -11.33
CA ALA D 126 17.37 2.57 -12.64
C ALA D 126 18.65 2.12 -13.37
N ARG D 127 19.77 1.89 -12.68
CA ARG D 127 20.97 1.39 -13.36
C ARG D 127 20.83 -0.06 -13.82
N ASN D 128 20.14 -0.88 -13.04
CA ASN D 128 19.93 -2.29 -13.30
C ASN D 128 18.60 -2.67 -12.63
N PRO D 129 17.56 -2.82 -13.43
CA PRO D 129 16.22 -3.13 -12.99
C PRO D 129 16.11 -4.53 -12.43
N ASN D 130 17.12 -5.36 -12.60
CA ASN D 130 17.18 -6.72 -12.10
C ASN D 130 18.12 -6.81 -10.90
N ARG D 131 18.59 -5.68 -10.35
CA ARG D 131 19.54 -5.74 -9.25
C ARG D 131 18.99 -6.52 -8.05
N ASP D 132 19.83 -7.27 -7.37
CA ASP D 132 19.43 -7.99 -6.15
C ASP D 132 19.57 -7.03 -4.96
N ILE D 133 18.47 -6.40 -4.60
CA ILE D 133 18.43 -5.45 -3.49
C ILE D 133 17.41 -5.90 -2.45
N THR D 134 17.83 -5.98 -1.19
CA THR D 134 16.90 -6.27 -0.11
C THR D 134 16.81 -5.03 0.79
N ILE D 135 15.59 -4.51 1.01
CA ILE D 135 15.51 -3.32 1.86
C ILE D 135 14.80 -3.60 3.18
N TYR D 136 15.48 -3.32 4.30
CA TYR D 136 14.88 -3.46 5.63
C TYR D 136 14.45 -2.11 6.17
N TRP D 137 13.19 -2.00 6.58
CA TRP D 137 12.64 -0.77 7.11
C TRP D 137 11.89 -1.07 8.41
N GLY D 138 12.51 -0.59 9.48
CA GLY D 138 11.97 -0.79 10.81
C GLY D 138 11.24 0.42 11.37
N GLY D 139 10.10 0.15 11.99
CA GLY D 139 9.34 1.24 12.62
C GLY D 139 8.64 0.68 13.85
N ARG D 140 8.10 1.58 14.66
CA ARG D 140 7.37 1.15 15.86
C ARG D 140 6.06 0.49 15.43
N GLU D 141 5.33 1.18 14.56
CA GLU D 141 4.05 0.66 14.09
C GLU D 141 4.06 0.66 12.55
N GLU D 142 3.24 -0.18 11.95
CA GLU D 142 3.14 -0.36 10.50
C GLU D 142 2.88 0.91 9.73
N GLN D 143 2.08 1.82 10.28
CA GLN D 143 1.71 3.09 9.71
C GLN D 143 2.88 4.06 9.70
N HIS D 144 3.94 3.81 10.46
CA HIS D 144 5.15 4.62 10.40
C HIS D 144 5.96 4.31 9.14
N LEU D 145 5.74 3.13 8.54
CA LEU D 145 6.40 2.81 7.27
C LEU D 145 5.47 3.28 6.17
N TYR D 146 5.34 4.59 6.01
CA TYR D 146 4.37 5.25 5.17
C TYR D 146 4.44 4.96 3.68
N ASP D 147 5.54 4.49 3.14
CA ASP D 147 5.71 4.20 1.74
C ASP D 147 5.85 2.72 1.43
N LEU D 148 5.30 1.86 2.28
CA LEU D 148 5.26 0.43 1.95
C LEU D 148 4.46 0.23 0.67
N CYS D 149 3.32 0.91 0.56
CA CYS D 149 2.44 0.83 -0.61
C CYS D 149 3.23 1.01 -1.91
N GLU D 150 4.01 2.08 -1.99
CA GLU D 150 4.87 2.43 -3.10
C GLU D 150 5.97 1.39 -3.35
N LEU D 151 6.58 0.88 -2.29
CA LEU D 151 7.62 -0.14 -2.37
C LEU D 151 7.03 -1.44 -2.93
N GLU D 152 5.77 -1.76 -2.58
CA GLU D 152 5.13 -2.96 -3.17
C GLU D 152 4.92 -2.75 -4.66
N ALA D 153 4.50 -1.56 -5.09
CA ALA D 153 4.34 -1.26 -6.52
C ALA D 153 5.69 -1.40 -7.23
N LEU D 154 6.76 -0.92 -6.62
CA LEU D 154 8.10 -1.05 -7.21
C LEU D 154 8.57 -2.50 -7.26
N SER D 155 8.24 -3.30 -6.26
CA SER D 155 8.60 -4.70 -6.20
C SER D 155 8.11 -5.52 -7.39
N LEU D 156 6.90 -5.21 -7.85
CA LEU D 156 6.30 -5.83 -9.01
C LEU D 156 7.18 -5.71 -10.24
N LYS D 157 7.74 -4.53 -10.46
CA LYS D 157 8.55 -4.26 -11.66
C LYS D 157 9.96 -4.76 -11.52
N HIS D 158 10.46 -5.04 -10.32
CA HIS D 158 11.86 -5.42 -10.12
C HIS D 158 11.92 -6.69 -9.28
N PRO D 159 12.15 -7.82 -9.95
CA PRO D 159 12.15 -9.14 -9.38
C PRO D 159 13.24 -9.40 -8.36
N GLY D 160 14.37 -8.66 -8.37
CA GLY D 160 15.39 -8.92 -7.35
C GLY D 160 15.15 -8.09 -6.09
N LEU D 161 14.09 -7.27 -6.08
CA LEU D 161 13.86 -6.40 -4.94
C LEU D 161 13.01 -7.13 -3.89
N GLN D 162 13.55 -7.23 -2.69
CA GLN D 162 12.88 -7.81 -1.54
C GLN D 162 12.68 -6.70 -0.51
N VAL D 163 11.45 -6.46 -0.11
CA VAL D 163 11.06 -5.46 0.84
C VAL D 163 10.81 -6.11 2.19
N VAL D 164 11.57 -5.75 3.23
CA VAL D 164 11.37 -6.37 4.53
C VAL D 164 11.00 -5.34 5.60
N PRO D 165 9.72 -5.13 5.80
CA PRO D 165 9.18 -4.26 6.83
C PRO D 165 9.33 -4.91 8.20
N VAL D 166 9.78 -4.20 9.24
CA VAL D 166 9.97 -4.75 10.58
C VAL D 166 9.21 -3.85 11.56
N VAL D 167 8.18 -4.40 12.19
CA VAL D 167 7.34 -3.65 13.12
C VAL D 167 7.55 -4.01 14.58
N GLU D 168 7.75 -3.02 15.45
CA GLU D 168 7.96 -3.30 16.87
C GLU D 168 6.67 -3.73 17.55
N GLN D 169 5.60 -2.98 17.35
CA GLN D 169 4.29 -3.29 17.93
C GLN D 169 3.29 -3.62 16.83
N PRO D 170 3.29 -4.86 16.39
CA PRO D 170 2.44 -5.33 15.30
C PRO D 170 0.97 -5.25 15.65
N GLU D 171 0.15 -5.35 14.61
CA GLU D 171 -1.30 -5.34 14.77
C GLU D 171 -1.80 -6.77 14.59
N ALA D 172 -3.12 -6.92 14.69
CA ALA D 172 -3.85 -8.15 14.57
C ALA D 172 -3.22 -9.23 13.69
N GLY D 173 -3.40 -9.15 12.37
CA GLY D 173 -2.89 -10.19 11.49
C GLY D 173 -1.68 -9.83 10.65
N TRP D 174 -0.73 -9.12 11.24
CA TRP D 174 0.50 -8.76 10.52
C TRP D 174 1.31 -10.05 10.36
N ARG D 175 1.73 -10.38 9.15
CA ARG D 175 2.51 -11.58 8.92
C ARG D 175 3.97 -11.23 8.66
N GLY D 176 4.30 -9.94 8.70
CA GLY D 176 5.67 -9.52 8.42
C GLY D 176 6.61 -9.74 9.60
N ARG D 177 7.78 -9.12 9.53
CA ARG D 177 8.77 -9.24 10.59
C ARG D 177 8.44 -8.33 11.75
N THR D 178 8.94 -8.71 12.93
CA THR D 178 8.55 -8.10 14.18
C THR D 178 9.51 -7.59 15.22
N GLY D 179 10.81 -7.80 15.30
CA GLY D 179 11.53 -7.14 16.42
C GLY D 179 12.00 -5.76 15.97
N THR D 180 13.30 -5.62 15.86
CA THR D 180 13.98 -4.42 15.36
C THR D 180 14.71 -4.83 14.09
N VAL D 181 15.12 -3.89 13.25
CA VAL D 181 15.75 -4.26 11.97
C VAL D 181 16.98 -5.12 12.05
N LEU D 182 17.91 -4.90 12.97
CA LEU D 182 19.14 -5.63 13.09
C LEU D 182 18.96 -7.10 13.34
N THR D 183 17.92 -7.53 14.06
CA THR D 183 17.73 -8.98 14.22
C THR D 183 17.18 -9.52 12.91
N ALA D 184 16.41 -8.79 12.10
CA ALA D 184 15.96 -9.32 10.83
C ALA D 184 17.12 -9.67 9.91
N VAL D 185 18.05 -8.73 9.73
CA VAL D 185 19.21 -8.92 8.87
C VAL D 185 20.00 -10.17 9.27
N LEU D 186 20.26 -10.25 10.56
CA LEU D 186 20.98 -11.34 11.20
C LEU D 186 20.32 -12.69 10.95
N GLN D 187 19.01 -12.76 11.13
CA GLN D 187 18.25 -13.96 10.87
C GLN D 187 18.37 -14.38 9.40
N ASP D 188 18.22 -13.51 8.42
CA ASP D 188 18.25 -13.91 7.02
C ASP D 188 19.58 -14.32 6.43
N HIS D 189 20.70 -13.90 6.99
CA HIS D 189 22.01 -14.07 6.40
C HIS D 189 23.00 -14.69 7.36
N GLY D 190 23.54 -15.87 7.07
CA GLY D 190 24.52 -16.50 7.94
C GLY D 190 25.88 -15.83 7.77
N THR D 191 26.07 -15.23 6.59
CA THR D 191 27.29 -14.45 6.35
C THR D 191 26.94 -13.18 5.57
N LEU D 192 27.54 -12.04 5.89
CA LEU D 192 27.27 -10.80 5.18
C LEU D 192 28.47 -10.42 4.33
N ALA D 193 29.46 -11.30 4.19
CA ALA D 193 30.66 -11.02 3.42
C ALA D 193 30.45 -10.67 1.94
N GLU D 194 29.38 -11.12 1.29
CA GLU D 194 29.20 -10.87 -0.13
C GLU D 194 28.40 -9.63 -0.47
N HIS D 195 27.73 -9.01 0.52
CA HIS D 195 26.89 -7.87 0.22
C HIS D 195 27.55 -6.52 0.39
N ASP D 196 26.95 -5.53 -0.27
CA ASP D 196 27.26 -4.12 -0.09
C ASP D 196 26.15 -3.63 0.86
N ILE D 197 26.45 -3.00 1.98
CA ILE D 197 25.44 -2.64 2.96
C ILE D 197 25.37 -1.13 3.21
N TYR D 198 24.17 -0.58 3.07
CA TYR D 198 23.95 0.86 3.27
C TYR D 198 22.97 1.08 4.43
N ILE D 199 23.36 1.87 5.43
CA ILE D 199 22.57 2.07 6.63
C ILE D 199 22.32 3.52 7.00
N ALA D 200 21.08 3.84 7.35
CA ALA D 200 20.73 5.16 7.86
C ALA D 200 19.71 4.96 8.98
N GLY D 201 19.70 5.84 9.95
CA GLY D 201 18.71 5.80 11.02
C GLY D 201 19.42 6.32 12.27
N ARG D 202 19.04 5.82 13.45
CA ARG D 202 19.72 6.34 14.64
C ARG D 202 21.19 5.99 14.57
N PHE D 203 22.04 6.95 14.91
CA PHE D 203 23.48 6.79 14.86
C PHE D 203 23.94 5.65 15.75
N GLU D 204 23.36 5.47 16.92
CA GLU D 204 23.69 4.34 17.78
C GLU D 204 23.29 2.99 17.19
N MET D 205 22.17 2.91 16.50
CA MET D 205 21.76 1.67 15.85
C MET D 205 22.82 1.35 14.78
N ALA D 206 23.21 2.37 14.01
CA ALA D 206 24.21 2.15 12.95
C ALA D 206 25.53 1.65 13.52
N LYS D 207 26.01 2.27 14.59
CA LYS D 207 27.27 1.87 15.23
C LYS D 207 27.18 0.45 15.79
N ILE D 208 26.03 0.10 16.32
CA ILE D 208 25.82 -1.27 16.83
C ILE D 208 25.81 -2.25 15.66
N ALA D 209 25.09 -1.92 14.61
CA ALA D 209 25.03 -2.67 13.37
C ALA D 209 26.40 -2.98 12.78
N ARG D 210 27.26 -1.96 12.59
CA ARG D 210 28.57 -2.18 11.99
C ARG D 210 29.41 -3.22 12.75
N ASP D 211 29.39 -3.12 14.08
CA ASP D 211 30.15 -4.02 14.94
C ASP D 211 29.58 -5.42 14.93
N LEU D 212 28.27 -5.63 15.01
CA LEU D 212 27.71 -6.98 14.94
C LEU D 212 27.95 -7.60 13.55
N PHE D 213 27.70 -6.82 12.50
CA PHE D 213 27.92 -7.33 11.14
C PHE D 213 29.36 -7.73 10.90
N CYS D 214 30.34 -6.87 11.22
CA CYS D 214 31.72 -7.25 10.94
C CYS D 214 32.22 -8.33 11.89
N SER D 215 31.80 -8.34 13.16
CA SER D 215 32.36 -9.33 14.08
C SER D 215 31.57 -10.61 14.16
N GLU D 216 30.29 -10.59 13.84
CA GLU D 216 29.49 -11.81 13.92
C GLU D 216 29.07 -12.34 12.56
N ARG D 217 29.14 -11.54 11.49
CA ARG D 217 28.68 -12.07 10.19
C ARG D 217 29.70 -11.84 9.10
N ASN D 218 30.95 -11.62 9.51
CA ASN D 218 32.07 -11.38 8.63
C ASN D 218 31.81 -10.33 7.54
N ALA D 219 31.09 -9.26 7.86
CA ALA D 219 30.84 -8.23 6.85
C ALA D 219 32.18 -7.56 6.49
N ARG D 220 32.22 -7.05 5.27
CA ARG D 220 33.42 -6.32 4.86
C ARG D 220 33.27 -4.88 5.36
N GLU D 221 34.18 -4.39 6.19
CA GLU D 221 34.08 -3.03 6.69
C GLU D 221 34.16 -2.02 5.56
N ASP D 222 35.00 -2.27 4.54
CA ASP D 222 35.06 -1.38 3.40
C ASP D 222 33.76 -1.39 2.60
N ARG D 223 32.89 -2.42 2.69
CA ARG D 223 31.64 -2.37 1.93
C ARG D 223 30.42 -2.11 2.82
N LEU D 224 30.61 -1.31 3.86
CA LEU D 224 29.50 -0.98 4.76
C LEU D 224 29.42 0.54 4.86
N PHE D 225 28.35 1.09 4.29
CA PHE D 225 28.20 2.53 4.20
C PHE D 225 27.12 3.12 5.06
N GLY D 226 27.29 4.37 5.45
CA GLY D 226 26.28 5.08 6.27
C GLY D 226 26.88 6.40 6.72
N ASP D 227 26.06 7.44 6.90
CA ASP D 227 26.60 8.72 7.37
C ASP D 227 27.19 8.64 8.76
N ALA D 228 26.72 7.75 9.63
CA ALA D 228 27.29 7.58 10.96
C ALA D 228 28.77 7.21 10.98
N PHE D 229 29.28 6.54 9.94
CA PHE D 229 30.68 6.16 9.89
C PHE D 229 31.61 7.24 9.35
N ALA D 230 31.11 8.43 9.02
CA ALA D 230 31.93 9.48 8.47
C ALA D 230 33.24 9.72 9.23
N PHE D 231 33.19 10.07 10.51
CA PHE D 231 34.44 10.35 11.24
C PHE D 231 34.76 9.24 12.23
N ILE D 232 34.00 8.15 12.10
CA ILE D 232 34.14 6.96 12.96
C ILE D 232 34.75 5.85 12.14
C1 GOL E . -20.71 11.16 -18.83
O1 GOL E . -21.43 10.32 -19.66
C2 GOL E . -19.64 10.47 -18.12
O2 GOL E . -19.84 9.14 -18.48
C3 GOL E . -18.24 10.75 -18.48
O3 GOL E . -17.49 9.58 -18.24
C1 GOL F . -18.85 -13.00 -31.30
O1 GOL F . -19.80 -12.58 -32.22
C2 GOL F . -17.50 -12.96 -31.90
O2 GOL F . -17.60 -11.78 -32.65
C3 GOL F . -16.38 -12.76 -30.97
O3 GOL F . -15.40 -11.90 -31.54
C1 GOL G . 13.60 6.99 33.67
O1 GOL G . 12.86 7.66 32.70
C2 GOL G . 15.05 7.17 33.40
O2 GOL G . 14.96 8.19 32.44
C3 GOL G . 15.81 7.73 34.55
O3 GOL G . 17.16 7.32 34.47
C1 GOL H . 20.72 12.37 8.02
O1 GOL H . 19.59 13.15 8.21
C2 GOL H . 21.84 13.23 7.61
O2 GOL H . 22.09 13.93 8.80
C3 GOL H . 23.13 12.56 7.38
O3 GOL H . 24.10 13.26 8.15
#